data_7DKV
#
_entry.id   7DKV
#
_cell.length_a   177.580
_cell.length_b   54.636
_cell.length_c   83.034
_cell.angle_alpha   90.000
_cell.angle_beta   90.000
_cell.angle_gamma   90.000
#
_symmetry.space_group_name_H-M   'P 21 21 2'
#
loop_
_entity.id
_entity.type
_entity.pdbx_description
1 polymer beta-glucosidase
2 branched beta-D-glucopyranose-(1-4)-beta-D-glucopyranose-(1-4)-beta-D-glucopyranose
3 non-polymer GLYCEROL
4 non-polymer 'CALCIUM ION'
5 water water
#
_entity_poly.entity_id   1
_entity_poly.type   'polypeptide(L)'
_entity_poly.pdbx_seq_one_letter_code
;AMALTGCSEKININEDKISHKIDIPDSAWTIGIGEKFKNAGHPNVKYPMIDDSYVQGAPLGGFGAGTIGRTYNGGFSRWH
LEIGKNKYTTVYANQFSVFQKVEGNKDGVAQVLYAGEPENGYLSSWKWDYPKESGMYYALYPNSWYTYTNKDLPVQLAVK
QFSPIIPYNYKETSYPVAVFKWTAYNPTNKNVDVSIMFTWQNMIGFFGKQVNVNSGNFNKIIKDKSKDSEIVAAVMGNIS
NDNEEWNGEYSIGVKKVPGVDISYKAKFVTTGDGSDLWHEFSKNGILDNKDDETPTKQDGIGSAIAVNFKLQPGQTIEVP
FALSWDLPIMKFGGGDKWYKMYTKYFGKNGKNSFAILKEALNNYQKWEKMIDDWQKPILSNKSKPDWYKTALFNELYYLA
DGGTAWENGKVGEKDKRTNNMFGLLACFDYNYYETLDVRFYGSFPLVMLWPDIEKQVMRQFADTINVQDSSEFKVGSNGA
MAVKKVQGMIPHDLGSSYALPWIKINAYDWQNPNIWKDLNSKYVLLVYRDYVLTGKTDKEFLKYTWKSVKTALDKLKEMD
KDNDGIPDNEGIPDQTYDTWSMKGTSAYCGSLWLAALKAAQEIGKVLKDNEAYIKYNEWYKIAQQNFEKELWNGEYYNFD
TESDHKDSIMADQLAGQWYADILRLGDILPKDHVQKALKKIYEFNVMKFENGKMGAVNGMRPDGIVDESDIQAQEVWTGV
TYALASFMKYRGMTEEAYNTAYGVYKMTYDKSGKGYWFRTPEAWTKDGNYRASMYMRPLSIWSMEVNYNEVLEHHHHHH
;
_entity_poly.pdbx_strand_id   A
#
loop_
_chem_comp.id
_chem_comp.type
_chem_comp.name
_chem_comp.formula
BGC D-saccharide, beta linking beta-D-glucopyranose 'C6 H12 O6'
CA non-polymer 'CALCIUM ION' 'Ca 2'
GOL non-polymer GLYCEROL 'C3 H8 O3'
#
# COMPACT_ATOMS: atom_id res chain seq x y z
N ASP A 16 -25.35 -3.82 20.16
CA ASP A 16 -25.07 -4.00 18.70
C ASP A 16 -26.01 -5.04 18.05
N LYS A 17 -27.06 -4.56 17.40
CA LYS A 17 -27.99 -5.39 16.62
C LYS A 17 -27.80 -5.27 15.09
N ILE A 18 -26.88 -4.40 14.65
CA ILE A 18 -26.65 -4.14 13.23
C ILE A 18 -25.67 -5.15 12.63
N SER A 19 -24.70 -5.61 13.44
CA SER A 19 -23.68 -6.58 12.96
C SER A 19 -24.28 -7.84 12.33
N HIS A 20 -25.40 -8.31 12.88
CA HIS A 20 -26.14 -9.45 12.32
C HIS A 20 -26.75 -9.19 10.93
N LYS A 21 -27.03 -7.91 10.61
CA LYS A 21 -27.60 -7.52 9.33
C LYS A 21 -26.57 -7.27 8.24
N ILE A 22 -25.28 -7.36 8.56
CA ILE A 22 -24.19 -7.19 7.57
C ILE A 22 -23.27 -8.40 7.66
N ASP A 23 -22.25 -8.47 6.82
CA ASP A 23 -21.35 -9.62 6.89
C ASP A 23 -19.90 -9.18 6.96
N ILE A 24 -19.45 -8.98 8.20
CA ILE A 24 -18.07 -8.60 8.46
C ILE A 24 -17.31 -9.88 8.81
N PRO A 25 -16.20 -10.16 8.12
CA PRO A 25 -15.43 -11.36 8.47
C PRO A 25 -14.79 -11.25 9.86
N ASP A 26 -14.69 -12.37 10.54
CA ASP A 26 -14.07 -12.38 11.85
C ASP A 26 -12.62 -11.92 11.84
N SER A 27 -11.92 -12.10 10.72
CA SER A 27 -10.52 -11.66 10.60
C SER A 27 -10.35 -10.14 10.34
N ALA A 28 -11.44 -9.39 10.23
CA ALA A 28 -11.28 -7.93 10.08
C ALA A 28 -10.56 -7.35 11.29
N TRP A 29 -9.62 -6.45 11.03
CA TRP A 29 -9.03 -5.65 12.09
C TRP A 29 -10.12 -4.75 12.65
N THR A 30 -10.14 -4.58 13.98
N THR A 30 -10.18 -4.61 13.98
CA THR A 30 -11.20 -3.83 14.67
CA THR A 30 -11.21 -3.74 14.57
C THR A 30 -10.64 -2.79 15.62
C THR A 30 -10.70 -2.83 15.66
N ILE A 31 -11.36 -1.67 15.75
CA ILE A 31 -11.05 -0.66 16.75
C ILE A 31 -12.34 0.12 17.02
N GLY A 32 -12.47 0.64 18.24
CA GLY A 32 -13.61 1.50 18.56
C GLY A 32 -13.51 2.85 17.87
N ILE A 33 -14.64 3.33 17.35
CA ILE A 33 -14.70 4.70 16.80
C ILE A 33 -14.43 5.64 17.96
N GLY A 34 -13.43 6.52 17.78
CA GLY A 34 -13.02 7.45 18.81
C GLY A 34 -12.06 6.89 19.84
N GLU A 35 -11.59 5.66 19.66
CA GLU A 35 -10.71 5.00 20.63
C GLU A 35 -9.40 5.76 20.66
N LYS A 36 -8.87 5.97 21.85
CA LYS A 36 -7.53 6.51 22.03
C LYS A 36 -6.62 5.30 22.14
N PHE A 37 -5.46 5.39 21.53
CA PHE A 37 -4.45 4.35 21.64
C PHE A 37 -3.32 4.93 22.44
N LYS A 38 -2.85 4.20 23.45
CA LYS A 38 -1.89 4.71 24.41
C LYS A 38 -0.44 4.38 24.08
N ASN A 39 -0.20 3.28 23.37
CA ASN A 39 1.14 2.73 23.26
C ASN A 39 1.91 3.15 22.00
N ALA A 40 1.51 4.23 21.32
CA ALA A 40 1.94 4.41 19.91
C ALA A 40 3.42 4.68 19.78
N GLY A 41 4.04 4.05 18.78
CA GLY A 41 5.44 4.28 18.48
C GLY A 41 5.68 5.53 17.66
N HIS A 42 6.93 5.95 17.64
CA HIS A 42 7.35 7.15 16.93
C HIS A 42 8.67 6.87 16.25
N PRO A 43 9.12 7.78 15.36
CA PRO A 43 10.38 7.52 14.68
C PRO A 43 11.56 7.47 15.64
N ASN A 44 12.50 6.58 15.36
CA ASN A 44 13.68 6.38 16.20
C ASN A 44 14.97 6.95 15.59
N VAL A 45 14.83 7.78 14.57
CA VAL A 45 15.98 8.44 13.91
C VAL A 45 16.11 9.91 14.34
N LYS A 46 17.24 10.53 14.03
CA LYS A 46 17.53 11.90 14.48
C LYS A 46 17.13 12.96 13.46
N TYR A 47 16.79 12.54 12.25
CA TYR A 47 16.40 13.45 11.18
C TYR A 47 14.88 13.41 11.08
N PRO A 48 14.27 14.42 10.44
CA PRO A 48 12.81 14.44 10.33
C PRO A 48 12.26 13.24 9.56
N MET A 49 11.14 12.74 10.05
CA MET A 49 10.54 11.52 9.52
C MET A 49 9.04 11.60 9.76
N ILE A 50 8.29 11.14 8.77
CA ILE A 50 6.83 11.18 8.82
C ILE A 50 6.31 10.41 10.04
N ASP A 51 5.42 11.06 10.78
CA ASP A 51 4.65 10.41 11.84
C ASP A 51 3.27 11.03 11.84
N ASP A 52 2.35 10.37 11.13
CA ASP A 52 0.98 10.87 11.01
C ASP A 52 0.04 10.40 12.12
N SER A 53 0.53 9.78 13.18
N SER A 53 0.63 9.69 13.10
CA SER A 53 -0.34 9.29 14.26
CA SER A 53 -0.04 9.11 14.25
C SER A 53 -0.93 7.95 13.87
C SER A 53 -0.90 7.91 13.86
N TYR A 54 -1.56 7.32 14.86
CA TYR A 54 -2.28 6.07 14.69
C TYR A 54 -3.72 6.21 14.16
N VAL A 55 -4.21 7.44 13.95
CA VAL A 55 -5.56 7.63 13.43
C VAL A 55 -5.49 7.46 11.91
N GLN A 56 -5.64 6.22 11.49
CA GLN A 56 -5.55 5.81 10.07
C GLN A 56 -6.68 4.85 9.75
N GLY A 57 -6.79 4.51 8.47
CA GLY A 57 -7.76 3.49 8.03
C GLY A 57 -7.34 2.91 6.70
N ALA A 58 -8.09 1.92 6.24
CA ALA A 58 -7.87 1.33 4.94
C ALA A 58 -8.14 2.39 3.85
N PRO A 59 -7.26 2.51 2.84
CA PRO A 59 -7.48 3.52 1.78
C PRO A 59 -8.59 3.20 0.79
N LEU A 60 -9.10 4.24 0.17
CA LEU A 60 -10.03 4.15 -0.94
C LEU A 60 -9.31 4.65 -2.18
N GLY A 61 -9.64 4.05 -3.33
CA GLY A 61 -9.01 4.43 -4.59
C GLY A 61 -8.22 3.30 -5.22
N GLY A 62 -8.23 3.26 -6.54
CA GLY A 62 -7.53 2.27 -7.29
C GLY A 62 -6.06 2.52 -7.50
N PHE A 63 -5.40 1.53 -8.12
CA PHE A 63 -3.97 1.66 -8.45
C PHE A 63 -3.73 2.80 -9.43
N GLY A 64 -2.86 3.72 -9.06
CA GLY A 64 -2.51 4.85 -9.91
C GLY A 64 -3.57 5.94 -9.95
N ALA A 65 -4.64 5.82 -9.14
CA ALA A 65 -5.74 6.77 -9.16
C ALA A 65 -5.52 7.96 -8.26
N GLY A 66 -4.53 7.86 -7.37
CA GLY A 66 -4.46 8.67 -6.16
C GLY A 66 -5.42 8.04 -5.15
N THR A 67 -5.00 7.96 -3.89
CA THR A 67 -5.86 7.36 -2.86
C THR A 67 -6.20 8.34 -1.76
N ILE A 68 -7.26 7.99 -1.04
CA ILE A 68 -7.79 8.78 0.05
C ILE A 68 -7.94 7.86 1.25
N GLY A 69 -7.22 8.19 2.32
CA GLY A 69 -7.29 7.48 3.58
C GLY A 69 -8.36 8.04 4.49
N ARG A 70 -9.45 7.29 4.66
CA ARG A 70 -10.50 7.60 5.62
C ARG A 70 -10.21 6.82 6.88
N THR A 71 -10.13 7.51 7.99
CA THR A 71 -9.60 6.89 9.22
C THR A 71 -10.71 6.22 10.01
N TYR A 72 -10.32 5.48 11.04
CA TYR A 72 -11.30 4.82 11.88
C TYR A 72 -12.20 5.79 12.66
N ASN A 73 -11.81 7.05 12.77
CA ASN A 73 -12.67 8.06 13.35
C ASN A 73 -13.67 8.69 12.37
N GLY A 74 -13.57 8.34 11.09
CA GLY A 74 -14.53 8.76 10.07
C GLY A 74 -14.02 9.86 9.15
N GLY A 75 -12.91 10.51 9.50
CA GLY A 75 -12.39 11.62 8.73
C GLY A 75 -11.65 11.21 7.48
N PHE A 76 -11.79 12.01 6.42
CA PHE A 76 -11.00 11.83 5.21
C PHE A 76 -9.73 12.65 5.42
N SER A 77 -8.64 11.95 5.76
CA SER A 77 -7.46 12.59 6.37
C SER A 77 -6.12 12.30 5.73
N ARG A 78 -5.90 11.13 5.12
CA ARG A 78 -4.59 10.85 4.56
C ARG A 78 -4.66 10.92 3.03
N TRP A 79 -4.22 12.05 2.50
CA TRP A 79 -4.43 12.38 1.09
C TRP A 79 -3.20 11.99 0.29
N HIS A 80 -3.40 11.03 -0.62
CA HIS A 80 -2.36 10.62 -1.57
C HIS A 80 -2.79 10.96 -3.01
N LEU A 81 -3.59 12.00 -3.18
CA LEU A 81 -4.11 12.36 -4.51
C LEU A 81 -3.04 12.97 -5.40
N GLU A 82 -2.11 13.68 -4.80
CA GLU A 82 -0.90 14.13 -5.48
C GLU A 82 0.09 12.96 -5.48
N ILE A 83 0.28 12.37 -6.65
CA ILE A 83 0.93 11.06 -6.75
C ILE A 83 2.37 11.13 -6.28
N GLY A 84 2.70 10.33 -5.28
CA GLY A 84 4.02 10.33 -4.66
C GLY A 84 4.15 11.13 -3.38
N LYS A 85 3.11 11.87 -3.00
CA LYS A 85 3.12 12.71 -1.79
C LYS A 85 2.13 12.17 -0.77
N ASN A 86 2.43 12.41 0.49
CA ASN A 86 1.58 12.03 1.61
C ASN A 86 1.22 13.31 2.36
N LYS A 87 -0.06 13.65 2.39
CA LYS A 87 -0.52 14.87 3.05
C LYS A 87 -1.59 14.50 4.06
N TYR A 88 -1.28 14.60 5.36
CA TYR A 88 -2.22 14.22 6.40
C TYR A 88 -2.88 15.47 6.94
N THR A 89 -4.14 15.65 6.60
CA THR A 89 -4.97 16.76 7.06
C THR A 89 -6.44 16.37 6.85
N THR A 90 -7.25 16.53 7.89
CA THR A 90 -8.67 16.21 7.78
C THR A 90 -9.40 17.36 7.08
N VAL A 91 -10.10 17.03 6.00
CA VAL A 91 -10.94 18.00 5.30
C VAL A 91 -12.28 17.87 5.98
N TYR A 92 -12.58 18.80 6.90
CA TYR A 92 -13.70 18.61 7.81
C TYR A 92 -15.06 18.57 7.14
N ALA A 93 -15.21 19.24 6.00
CA ALA A 93 -16.48 19.20 5.27
C ALA A 93 -16.85 17.82 4.73
N ASN A 94 -15.87 16.92 4.60
CA ASN A 94 -16.08 15.61 3.97
C ASN A 94 -16.56 14.63 5.02
N GLN A 95 -17.85 14.31 5.03
CA GLN A 95 -18.42 13.49 6.12
C GLN A 95 -19.67 12.77 5.71
N PHE A 96 -20.03 11.78 6.52
CA PHE A 96 -21.38 11.32 6.57
C PHE A 96 -22.00 11.80 7.87
N SER A 97 -23.26 12.22 7.78
CA SER A 97 -24.05 12.66 8.92
C SER A 97 -25.38 11.93 8.95
N VAL A 98 -26.00 11.90 10.13
CA VAL A 98 -27.28 11.18 10.32
C VAL A 98 -28.27 12.08 11.05
N PHE A 99 -29.53 11.96 10.66
CA PHE A 99 -30.66 12.58 11.34
C PHE A 99 -31.61 11.44 11.68
N GLN A 100 -32.11 11.44 12.91
CA GLN A 100 -33.16 10.51 13.30
C GLN A 100 -34.24 11.22 14.13
N LYS A 101 -35.51 10.89 13.85
CA LYS A 101 -36.62 11.37 14.66
C LYS A 101 -37.59 10.24 14.92
N VAL A 102 -37.86 9.97 16.19
CA VAL A 102 -38.84 8.94 16.54
C VAL A 102 -40.24 9.49 16.30
N GLU A 103 -41.09 8.72 15.62
CA GLU A 103 -42.49 9.13 15.40
C GLU A 103 -43.13 9.42 16.77
N GLY A 104 -43.65 10.62 16.94
CA GLY A 104 -44.25 11.05 18.20
C GLY A 104 -43.50 12.18 18.88
N ASN A 105 -42.18 12.21 18.72
CA ASN A 105 -41.35 13.28 19.29
C ASN A 105 -41.44 14.57 18.49
N LYS A 106 -41.12 15.67 19.18
CA LYS A 106 -41.24 17.03 18.62
C LYS A 106 -40.04 17.27 17.72
N ASP A 107 -38.85 16.95 18.23
CA ASP A 107 -37.60 17.16 17.51
C ASP A 107 -36.85 15.85 17.27
N GLY A 108 -36.00 15.88 16.24
CA GLY A 108 -35.07 14.80 15.96
C GLY A 108 -33.69 15.22 16.41
N VAL A 109 -32.71 14.35 16.17
CA VAL A 109 -31.31 14.60 16.52
C VAL A 109 -30.50 14.45 15.24
N ALA A 110 -29.46 15.25 15.11
CA ALA A 110 -28.56 15.18 13.94
C ALA A 110 -27.13 15.15 14.45
N GLN A 111 -26.28 14.38 13.79
CA GLN A 111 -24.93 14.10 14.30
C GLN A 111 -24.00 13.83 13.13
N VAL A 112 -22.87 14.51 13.08
CA VAL A 112 -21.82 14.15 12.13
C VAL A 112 -21.16 12.87 12.64
N LEU A 113 -20.92 11.93 11.71
CA LEU A 113 -20.28 10.66 12.06
C LEU A 113 -18.76 10.75 12.00
N TYR A 114 -18.22 11.61 12.87
CA TYR A 114 -16.80 11.89 12.98
C TYR A 114 -16.48 12.09 14.46
N ALA A 115 -15.53 11.29 14.97
CA ALA A 115 -15.13 11.35 16.38
C ALA A 115 -14.07 12.42 16.54
N GLY A 116 -14.50 13.66 16.41
CA GLY A 116 -13.61 14.79 16.51
C GLY A 116 -14.37 16.06 16.15
N GLU A 117 -13.63 17.16 16.06
CA GLU A 117 -14.20 18.43 15.62
C GLU A 117 -13.13 19.26 14.90
N PRO A 118 -13.55 20.27 14.11
CA PRO A 118 -12.56 21.15 13.47
C PRO A 118 -11.71 21.92 14.45
N GLU A 119 -10.53 22.34 14.02
CA GLU A 119 -9.63 23.11 14.88
C GLU A 119 -10.05 24.59 14.97
N ASN A 120 -10.59 25.15 13.88
CA ASN A 120 -11.08 26.54 13.85
C ASN A 120 -12.61 26.60 13.85
N GLY A 121 -13.20 27.74 13.48
CA GLY A 121 -14.65 27.94 13.57
C GLY A 121 -15.48 27.62 12.34
N TYR A 122 -14.83 27.06 11.31
CA TYR A 122 -15.57 26.65 10.16
C TYR A 122 -16.39 25.42 10.51
N LEU A 123 -17.62 25.42 10.01
CA LEU A 123 -18.59 24.37 10.24
C LEU A 123 -18.96 24.21 11.71
N SER A 124 -18.86 25.30 12.47
CA SER A 124 -19.16 25.24 13.90
C SER A 124 -20.63 24.90 14.19
N SER A 125 -21.54 25.16 13.26
CA SER A 125 -22.95 24.80 13.44
C SER A 125 -23.24 23.31 13.43
N TRP A 126 -22.36 22.52 12.80
CA TRP A 126 -22.58 21.08 12.69
C TRP A 126 -22.38 20.44 14.06
N LYS A 127 -22.98 19.28 14.25
CA LYS A 127 -22.89 18.54 15.51
C LYS A 127 -21.73 17.55 15.45
N TRP A 128 -20.61 17.95 16.07
CA TRP A 128 -19.37 17.21 16.01
C TRP A 128 -19.25 16.22 17.17
N ASP A 129 -18.05 15.64 17.33
CA ASP A 129 -17.69 14.82 18.49
C ASP A 129 -18.60 13.63 18.65
N TYR A 130 -18.64 12.80 17.62
CA TYR A 130 -19.35 11.54 17.70
C TYR A 130 -18.83 10.82 18.97
N PRO A 131 -19.73 10.38 19.86
CA PRO A 131 -19.26 9.91 21.17
C PRO A 131 -18.52 8.57 21.15
N LYS A 132 -17.63 8.36 22.12
CA LYS A 132 -16.94 7.08 22.31
C LYS A 132 -17.90 5.97 22.69
N GLU A 133 -17.42 4.73 22.56
N GLU A 133 -17.42 4.73 22.57
CA GLU A 133 -18.17 3.52 22.88
CA GLU A 133 -18.18 3.51 22.90
C GLU A 133 -19.52 3.42 22.19
C GLU A 133 -19.51 3.39 22.18
N SER A 134 -19.59 3.95 20.97
CA SER A 134 -20.84 4.05 20.23
C SER A 134 -20.72 3.55 18.82
N GLY A 135 -19.75 2.67 18.57
CA GLY A 135 -19.52 2.20 17.21
C GLY A 135 -18.14 1.65 17.04
N MET A 136 -17.97 0.88 15.97
CA MET A 136 -16.73 0.16 15.69
C MET A 136 -16.32 0.37 14.25
N TYR A 137 -15.01 0.33 14.03
CA TYR A 137 -14.45 0.31 12.67
C TYR A 137 -13.85 -1.06 12.45
N TYR A 138 -14.02 -1.59 11.24
CA TYR A 138 -13.52 -2.90 10.84
C TYR A 138 -12.82 -2.79 9.50
N ALA A 139 -11.70 -3.49 9.31
CA ALA A 139 -11.03 -3.48 8.01
C ALA A 139 -10.50 -4.82 7.59
N LEU A 140 -10.83 -5.21 6.36
CA LEU A 140 -10.18 -6.34 5.69
C LEU A 140 -10.05 -5.94 4.23
N TYR A 141 -8.95 -5.25 3.96
CA TYR A 141 -8.69 -4.60 2.66
C TYR A 141 -9.01 -5.52 1.49
N PRO A 142 -9.76 -5.06 0.46
CA PRO A 142 -10.09 -3.65 0.19
C PRO A 142 -11.37 -3.12 0.84
N ASN A 143 -12.02 -3.93 1.69
CA ASN A 143 -13.22 -3.54 2.39
C ASN A 143 -12.92 -2.96 3.76
N SER A 144 -13.72 -1.98 4.16
CA SER A 144 -13.80 -1.56 5.56
C SER A 144 -15.24 -1.24 5.91
N TRP A 145 -15.52 -1.19 7.20
CA TRP A 145 -16.87 -1.00 7.71
C TRP A 145 -16.85 -0.11 8.94
N TYR A 146 -17.96 0.61 9.13
CA TYR A 146 -18.23 1.30 10.38
C TYR A 146 -19.62 0.87 10.82
N THR A 147 -19.76 0.60 12.12
CA THR A 147 -21.08 0.41 12.73
C THR A 147 -21.33 1.54 13.73
N TYR A 148 -22.60 1.91 13.86
CA TYR A 148 -23.02 3.03 14.70
C TYR A 148 -24.13 2.51 15.59
N THR A 149 -23.78 2.34 16.85
CA THR A 149 -24.64 1.73 17.87
C THR A 149 -24.64 2.70 19.05
N ASN A 150 -25.54 3.67 19.00
CA ASN A 150 -25.49 4.87 19.83
C ASN A 150 -26.81 4.96 20.58
N LYS A 151 -26.75 5.24 21.87
CA LYS A 151 -27.99 5.28 22.68
C LYS A 151 -28.96 6.38 22.28
N ASP A 152 -28.47 7.43 21.62
CA ASP A 152 -29.33 8.49 21.08
C ASP A 152 -29.76 8.29 19.62
N LEU A 153 -29.39 7.17 19.01
CA LEU A 153 -29.80 6.86 17.65
C LEU A 153 -30.55 5.53 17.66
N PRO A 154 -31.88 5.56 17.81
CA PRO A 154 -32.63 4.30 17.88
C PRO A 154 -32.44 3.38 16.69
N VAL A 155 -32.26 3.94 15.49
CA VAL A 155 -31.97 3.14 14.32
C VAL A 155 -30.45 2.94 14.26
N GLN A 156 -30.04 1.69 14.16
N GLN A 156 -30.02 1.70 14.19
CA GLN A 156 -28.63 1.33 14.07
CA GLN A 156 -28.60 1.40 14.09
C GLN A 156 -28.22 1.33 12.61
C GLN A 156 -28.23 1.35 12.62
N LEU A 157 -27.02 1.82 12.34
CA LEU A 157 -26.53 1.97 10.98
C LEU A 157 -25.18 1.31 10.87
N ALA A 158 -24.88 0.87 9.65
CA ALA A 158 -23.57 0.39 9.27
C ALA A 158 -23.29 0.76 7.85
N VAL A 159 -22.02 0.91 7.52
CA VAL A 159 -21.62 1.18 6.14
C VAL A 159 -20.49 0.23 5.79
N LYS A 160 -20.52 -0.27 4.57
CA LYS A 160 -19.41 -1.03 4.01
C LYS A 160 -18.85 -0.16 2.90
N GLN A 161 -17.56 0.13 2.99
CA GLN A 161 -16.91 0.99 1.99
C GLN A 161 -15.77 0.25 1.33
N PHE A 162 -15.60 0.47 0.04
CA PHE A 162 -14.54 -0.18 -0.70
C PHE A 162 -14.32 0.44 -2.06
N SER A 163 -13.17 0.09 -2.64
CA SER A 163 -12.91 0.29 -4.06
C SER A 163 -12.72 -1.10 -4.68
N PRO A 164 -12.99 -1.23 -5.99
CA PRO A 164 -12.94 -2.53 -6.66
C PRO A 164 -11.50 -2.97 -7.00
N ILE A 165 -10.77 -3.35 -5.96
CA ILE A 165 -9.41 -3.85 -6.07
C ILE A 165 -9.52 -5.35 -6.25
N ILE A 166 -9.20 -5.80 -7.47
CA ILE A 166 -9.52 -7.18 -7.90
C ILE A 166 -8.33 -7.81 -8.63
N PRO A 167 -7.77 -8.89 -8.07
CA PRO A 167 -6.70 -9.60 -8.77
C PRO A 167 -7.05 -10.01 -10.19
N TYR A 168 -6.06 -9.94 -11.06
CA TYR A 168 -6.14 -10.31 -12.48
C TYR A 168 -7.11 -9.39 -13.25
N ASN A 169 -7.41 -8.22 -12.66
CA ASN A 169 -8.28 -7.22 -13.23
C ASN A 169 -7.45 -5.95 -13.21
N TYR A 170 -7.23 -5.39 -14.39
CA TYR A 170 -6.42 -4.17 -14.55
C TYR A 170 -7.28 -2.97 -14.92
N LYS A 171 -8.60 -3.08 -14.83
CA LYS A 171 -9.53 -2.05 -15.28
C LYS A 171 -10.17 -1.41 -14.06
N GLU A 172 -11.14 -2.07 -13.46
CA GLU A 172 -11.83 -1.56 -12.26
C GLU A 172 -10.80 -1.29 -11.16
N THR A 173 -9.75 -2.09 -11.11
CA THR A 173 -8.65 -1.94 -10.14
C THR A 173 -7.96 -0.56 -10.21
N SER A 174 -8.01 0.08 -11.39
CA SER A 174 -7.46 1.42 -11.59
C SER A 174 -8.39 2.58 -11.22
N TYR A 175 -9.66 2.31 -10.91
CA TYR A 175 -10.66 3.38 -10.87
C TYR A 175 -10.53 4.29 -9.65
N PRO A 176 -10.67 5.60 -9.85
CA PRO A 176 -10.70 6.55 -8.74
C PRO A 176 -12.12 6.67 -8.20
N VAL A 177 -12.54 5.65 -7.45
CA VAL A 177 -13.91 5.58 -6.99
C VAL A 177 -13.99 4.77 -5.70
N ALA A 178 -15.01 5.09 -4.91
CA ALA A 178 -15.33 4.38 -3.69
C ALA A 178 -16.82 4.25 -3.60
N VAL A 179 -17.26 3.12 -3.06
CA VAL A 179 -18.67 2.87 -2.79
C VAL A 179 -18.89 2.84 -1.26
N PHE A 180 -20.02 3.40 -0.81
CA PHE A 180 -20.41 3.37 0.59
C PHE A 180 -21.81 2.77 0.65
N LYS A 181 -21.86 1.49 0.98
CA LYS A 181 -23.11 0.74 1.01
C LYS A 181 -23.64 0.74 2.44
N TRP A 182 -24.72 1.50 2.66
CA TRP A 182 -25.30 1.69 3.98
C TRP A 182 -26.38 0.66 4.24
N THR A 183 -26.43 0.19 5.48
CA THR A 183 -27.50 -0.66 5.99
C THR A 183 -28.08 0.01 7.23
N ALA A 184 -29.41 0.14 7.28
CA ALA A 184 -30.10 0.74 8.43
C ALA A 184 -31.14 -0.24 8.95
N TYR A 185 -31.18 -0.42 10.27
CA TYR A 185 -32.10 -1.37 10.91
C TYR A 185 -32.75 -0.75 12.14
N ASN A 186 -34.06 -0.95 12.29
CA ASN A 186 -34.80 -0.43 13.44
C ASN A 186 -35.14 -1.60 14.39
N PRO A 187 -34.37 -1.74 15.50
CA PRO A 187 -34.67 -2.78 16.49
C PRO A 187 -35.77 -2.37 17.50
N THR A 188 -36.24 -1.12 17.45
CA THR A 188 -37.18 -0.60 18.45
C THR A 188 -38.62 -0.86 18.03
N ASN A 189 -39.55 -0.47 18.90
CA ASN A 189 -40.99 -0.67 18.66
C ASN A 189 -41.72 0.57 18.13
N LYS A 190 -40.98 1.58 17.66
CA LYS A 190 -41.61 2.76 17.06
C LYS A 190 -41.04 3.05 15.69
N ASN A 191 -41.85 3.70 14.85
CA ASN A 191 -41.40 4.21 13.55
C ASN A 191 -40.35 5.29 13.79
N VAL A 192 -39.28 5.26 13.01
CA VAL A 192 -38.23 6.28 13.10
C VAL A 192 -37.96 6.82 11.70
N ASP A 193 -37.93 8.15 11.59
CA ASP A 193 -37.53 8.82 10.35
C ASP A 193 -36.01 8.94 10.38
N VAL A 194 -35.36 8.56 9.28
CA VAL A 194 -33.89 8.54 9.21
C VAL A 194 -33.42 9.25 7.95
N SER A 195 -32.36 10.04 8.10
CA SER A 195 -31.65 10.57 6.94
C SER A 195 -30.15 10.31 7.07
N ILE A 196 -29.52 10.03 5.92
CA ILE A 196 -28.06 9.88 5.82
C ILE A 196 -27.63 10.91 4.78
N MET A 197 -26.65 11.74 5.13
CA MET A 197 -26.15 12.81 4.25
C MET A 197 -24.65 12.67 4.05
N PHE A 198 -24.25 12.72 2.79
CA PHE A 198 -22.84 12.78 2.38
C PHE A 198 -22.54 14.20 2.00
N THR A 199 -21.54 14.78 2.64
CA THR A 199 -21.06 16.10 2.30
C THR A 199 -19.64 15.97 1.76
N TRP A 200 -19.29 16.84 0.82
CA TRP A 200 -17.95 16.84 0.24
C TRP A 200 -17.59 18.27 -0.19
N GLN A 201 -16.36 18.66 0.12
CA GLN A 201 -15.81 19.93 -0.32
C GLN A 201 -15.36 19.82 -1.77
N ASN A 202 -15.63 20.87 -2.55
CA ASN A 202 -15.04 20.96 -3.87
C ASN A 202 -13.57 21.19 -3.68
N MET A 203 -12.79 20.12 -3.83
CA MET A 203 -11.36 20.14 -3.54
C MET A 203 -10.46 20.54 -4.68
N ILE A 204 -11.02 21.02 -5.79
CA ILE A 204 -10.17 21.47 -6.88
C ILE A 204 -9.37 22.64 -6.34
N GLY A 205 -8.05 22.54 -6.46
CA GLY A 205 -7.12 23.51 -5.90
C GLY A 205 -6.53 23.14 -4.55
N PHE A 206 -6.97 22.02 -3.98
CA PHE A 206 -6.39 21.47 -2.73
C PHE A 206 -4.89 21.25 -2.87
N PHE A 207 -4.46 20.79 -4.05
CA PHE A 207 -3.04 20.73 -4.43
C PHE A 207 -2.84 21.17 -5.86
N GLY A 208 -1.60 21.52 -6.18
CA GLY A 208 -1.18 21.73 -7.57
C GLY A 208 -1.48 23.09 -8.15
N LYS A 209 -2.19 23.94 -7.40
CA LYS A 209 -2.57 25.27 -7.83
C LYS A 209 -1.81 26.29 -6.97
N GLN A 210 -0.93 27.05 -7.61
N GLN A 210 -0.90 27.04 -7.59
CA GLN A 210 -0.02 27.96 -6.92
CA GLN A 210 0.00 27.97 -6.86
C GLN A 210 -0.70 29.23 -6.37
C GLN A 210 -0.72 29.23 -6.33
N VAL A 211 -1.75 29.69 -7.05
CA VAL A 211 -2.54 30.89 -6.64
C VAL A 211 -4.05 30.68 -6.87
N ASN A 212 -4.87 31.54 -6.25
CA ASN A 212 -6.32 31.56 -6.49
C ASN A 212 -6.96 30.18 -6.28
N VAL A 213 -6.73 29.58 -5.12
CA VAL A 213 -6.96 28.13 -4.95
C VAL A 213 -8.40 27.64 -5.08
N ASN A 214 -9.38 28.47 -4.73
CA ASN A 214 -10.79 28.13 -4.93
C ASN A 214 -11.41 28.78 -6.16
N SER A 215 -10.71 29.73 -6.78
CA SER A 215 -11.34 30.57 -7.78
C SER A 215 -11.84 29.79 -9.00
N GLY A 216 -13.10 29.99 -9.33
CA GLY A 216 -13.74 29.34 -10.46
C GLY A 216 -14.31 27.97 -10.12
N ASN A 217 -14.15 27.52 -8.87
CA ASN A 217 -14.80 26.26 -8.49
C ASN A 217 -16.30 26.44 -8.54
N PHE A 218 -17.01 25.42 -9.04
CA PHE A 218 -18.45 25.46 -9.09
C PHE A 218 -19.00 24.04 -9.01
N ASN A 219 -20.23 23.95 -8.54
CA ASN A 219 -20.88 22.66 -8.32
C ASN A 219 -22.15 22.55 -9.16
N LYS A 220 -22.37 21.40 -9.76
CA LYS A 220 -23.60 21.13 -10.48
C LYS A 220 -24.23 19.85 -10.01
N ILE A 221 -25.53 19.72 -10.22
CA ILE A 221 -26.30 18.56 -9.84
C ILE A 221 -26.73 17.82 -11.10
N ILE A 222 -26.49 16.52 -11.11
CA ILE A 222 -26.90 15.63 -12.20
C ILE A 222 -27.98 14.72 -11.67
N LYS A 223 -29.12 14.68 -12.36
CA LYS A 223 -30.19 13.73 -12.06
C LYS A 223 -30.29 12.80 -13.24
N ASP A 224 -29.89 11.54 -13.04
CA ASP A 224 -29.94 10.56 -14.10
C ASP A 224 -31.11 9.66 -13.82
N LYS A 225 -32.19 9.84 -14.57
CA LYS A 225 -33.43 9.09 -14.43
C LYS A 225 -33.63 8.24 -15.67
N SER A 226 -33.67 6.94 -15.47
CA SER A 226 -34.16 6.00 -16.48
C SER A 226 -35.12 5.05 -15.74
N LYS A 227 -35.63 4.03 -16.41
CA LYS A 227 -36.51 3.05 -15.74
C LYS A 227 -35.71 2.26 -14.71
N ASP A 228 -36.20 2.26 -13.46
CA ASP A 228 -35.60 1.50 -12.34
C ASP A 228 -34.17 1.90 -11.99
N SER A 229 -33.80 3.11 -12.37
CA SER A 229 -32.56 3.70 -11.96
C SER A 229 -32.86 5.18 -11.79
N GLU A 230 -32.54 5.69 -10.62
CA GLU A 230 -32.40 7.10 -10.47
C GLU A 230 -31.12 7.30 -9.70
N ILE A 231 -30.22 8.09 -10.26
CA ILE A 231 -29.03 8.54 -9.56
C ILE A 231 -29.11 10.06 -9.48
N VAL A 232 -28.73 10.56 -8.31
CA VAL A 232 -28.58 11.99 -8.10
C VAL A 232 -27.15 12.20 -7.60
N ALA A 233 -26.46 13.12 -8.25
CA ALA A 233 -25.05 13.35 -7.98
C ALA A 233 -24.69 14.81 -8.03
N ALA A 234 -23.68 15.19 -7.24
CA ALA A 234 -23.06 16.51 -7.36
C ALA A 234 -21.75 16.33 -8.06
N VAL A 235 -21.45 17.24 -8.98
CA VAL A 235 -20.19 17.27 -9.67
C VAL A 235 -19.54 18.59 -9.32
N MET A 236 -18.36 18.50 -8.71
CA MET A 236 -17.63 19.63 -8.13
C MET A 236 -16.39 19.82 -8.97
N GLY A 237 -16.41 20.88 -9.78
CA GLY A 237 -15.36 21.12 -10.77
C GLY A 237 -14.95 22.57 -10.79
N ASN A 238 -14.38 22.98 -11.91
CA ASN A 238 -13.92 24.36 -12.07
C ASN A 238 -14.31 24.81 -13.48
N ILE A 239 -14.62 26.09 -13.62
CA ILE A 239 -15.02 26.62 -14.94
C ILE A 239 -13.93 26.52 -16.00
N SER A 240 -12.67 26.43 -15.57
CA SER A 240 -11.56 26.28 -16.51
C SER A 240 -11.61 24.93 -17.25
N ASN A 241 -11.35 24.97 -18.55
CA ASN A 241 -11.15 23.74 -19.34
C ASN A 241 -9.66 23.40 -19.50
N ASP A 242 -8.78 24.08 -18.76
CA ASP A 242 -7.35 23.79 -18.77
C ASP A 242 -7.02 22.35 -18.37
N ASN A 243 -6.01 21.79 -19.01
CA ASN A 243 -5.56 20.42 -18.76
C ASN A 243 -4.30 20.50 -17.93
N GLU A 244 -4.48 20.50 -16.61
CA GLU A 244 -3.38 20.64 -15.65
C GLU A 244 -3.57 19.64 -14.50
N GLU A 245 -2.51 19.38 -13.76
CA GLU A 245 -2.54 18.45 -12.61
C GLU A 245 -3.66 18.80 -11.61
N TRP A 246 -3.89 20.10 -11.41
CA TRP A 246 -4.86 20.53 -10.40
C TRP A 246 -6.32 20.42 -10.83
N ASN A 247 -6.61 20.35 -12.14
CA ASN A 247 -7.98 20.49 -12.62
C ASN A 247 -8.61 19.13 -12.85
N GLY A 248 -9.93 19.10 -12.69
CA GLY A 248 -10.70 17.88 -12.88
C GLY A 248 -12.00 18.04 -12.12
N GLU A 249 -12.52 16.94 -11.61
CA GLU A 249 -13.81 16.92 -10.93
C GLU A 249 -13.83 15.91 -9.82
N TYR A 250 -14.53 16.24 -8.73
CA TYR A 250 -14.98 15.26 -7.73
C TYR A 250 -16.49 15.09 -7.88
N SER A 251 -16.99 13.89 -7.61
CA SER A 251 -18.42 13.68 -7.57
C SER A 251 -18.82 12.85 -6.36
N ILE A 252 -19.94 13.21 -5.73
CA ILE A 252 -20.60 12.33 -4.77
C ILE A 252 -22.04 12.13 -5.22
N GLY A 253 -22.62 11.01 -4.82
CA GLY A 253 -23.99 10.73 -5.21
C GLY A 253 -24.57 9.50 -4.61
N VAL A 254 -25.83 9.24 -4.95
CA VAL A 254 -26.60 8.16 -4.35
C VAL A 254 -27.52 7.59 -5.43
N LYS A 255 -27.84 6.31 -5.29
CA LYS A 255 -28.79 5.63 -6.16
C LYS A 255 -30.07 5.42 -5.39
N LYS A 256 -31.19 5.75 -6.01
CA LYS A 256 -32.47 5.59 -5.36
C LYS A 256 -32.78 4.11 -5.18
N VAL A 257 -33.38 3.78 -4.05
CA VAL A 257 -33.93 2.46 -3.78
C VAL A 257 -35.36 2.61 -3.28
N PRO A 258 -36.16 1.54 -3.37
CA PRO A 258 -37.51 1.63 -2.87
C PRO A 258 -37.58 2.08 -1.42
N GLY A 259 -38.48 3.01 -1.15
CA GLY A 259 -38.71 3.54 0.19
C GLY A 259 -37.81 4.67 0.66
N VAL A 260 -36.95 5.20 -0.21
CA VAL A 260 -36.12 6.35 0.15
C VAL A 260 -36.39 7.50 -0.82
N ASP A 261 -36.34 8.71 -0.30
CA ASP A 261 -36.38 9.91 -1.10
C ASP A 261 -35.01 10.54 -1.07
N ILE A 262 -34.63 11.22 -2.15
CA ILE A 262 -33.33 11.86 -2.25
C ILE A 262 -33.52 13.36 -2.14
N SER A 263 -32.66 14.02 -1.37
CA SER A 263 -32.58 15.48 -1.43
C SER A 263 -31.13 15.92 -1.59
N TYR A 264 -30.92 17.17 -1.98
CA TYR A 264 -29.57 17.66 -2.20
C TYR A 264 -29.41 19.14 -1.91
N LYS A 265 -28.17 19.56 -1.78
CA LYS A 265 -27.84 20.98 -1.82
C LYS A 265 -26.57 21.15 -2.64
N ALA A 266 -26.68 21.90 -3.74
CA ALA A 266 -25.55 22.05 -4.64
C ALA A 266 -24.37 22.81 -4.05
N LYS A 267 -24.64 23.84 -3.25
CA LYS A 267 -23.58 24.75 -2.84
C LYS A 267 -23.76 25.21 -1.40
N PHE A 268 -22.88 24.74 -0.52
CA PHE A 268 -22.74 25.34 0.80
C PHE A 268 -21.30 25.81 0.96
N VAL A 269 -21.09 26.76 1.88
CA VAL A 269 -19.80 27.40 2.03
C VAL A 269 -19.03 26.66 3.13
N THR A 270 -17.89 26.08 2.74
CA THR A 270 -17.05 25.32 3.69
C THR A 270 -16.22 26.22 4.58
N THR A 271 -15.91 27.42 4.10
CA THR A 271 -15.17 28.43 4.85
C THR A 271 -16.18 29.40 5.49
N GLY A 272 -17.12 28.82 6.24
CA GLY A 272 -18.18 29.53 6.94
C GLY A 272 -18.66 28.59 8.02
N ASP A 273 -19.74 28.97 8.72
CA ASP A 273 -20.17 28.19 9.88
C ASP A 273 -20.96 26.93 9.52
N GLY A 274 -21.29 26.77 8.24
CA GLY A 274 -21.99 25.57 7.79
C GLY A 274 -23.48 25.53 8.01
N SER A 275 -24.04 26.59 8.60
CA SER A 275 -25.46 26.61 8.97
C SER A 275 -26.37 26.72 7.74
N ASP A 276 -25.83 27.24 6.65
CA ASP A 276 -26.52 27.22 5.36
C ASP A 276 -27.02 25.81 4.98
N LEU A 277 -26.24 24.79 5.31
CA LEU A 277 -26.66 23.40 5.13
C LEU A 277 -27.32 22.82 6.39
N TRP A 278 -26.65 22.99 7.53
CA TRP A 278 -27.03 22.28 8.75
C TRP A 278 -28.42 22.64 9.29
N HIS A 279 -28.83 23.90 9.15
CA HIS A 279 -30.20 24.28 9.60
C HIS A 279 -31.28 23.48 8.85
N GLU A 280 -31.01 23.12 7.59
CA GLU A 280 -31.93 22.29 6.80
C GLU A 280 -31.90 20.84 7.29
N PHE A 281 -30.70 20.28 7.40
CA PHE A 281 -30.54 18.88 7.74
C PHE A 281 -31.00 18.58 9.16
N SER A 282 -30.69 19.47 10.08
CA SER A 282 -30.99 19.23 11.49
C SER A 282 -32.47 19.35 11.83
N LYS A 283 -33.24 20.01 10.97
CA LYS A 283 -34.69 20.17 11.18
C LYS A 283 -35.45 18.89 10.94
N ASN A 284 -35.33 18.35 9.74
CA ASN A 284 -36.09 17.17 9.32
C ASN A 284 -35.31 16.21 8.43
N GLY A 285 -33.99 16.37 8.32
CA GLY A 285 -33.19 15.50 7.48
C GLY A 285 -33.38 15.66 5.98
N ILE A 286 -33.94 16.79 5.55
CA ILE A 286 -34.26 17.01 4.15
C ILE A 286 -33.66 18.33 3.71
N LEU A 287 -32.92 18.29 2.60
CA LEU A 287 -32.26 19.47 2.07
C LEU A 287 -33.15 20.23 1.10
N ASP A 288 -32.67 21.42 0.77
CA ASP A 288 -33.46 22.38 -0.02
C ASP A 288 -33.61 22.08 -1.52
N ASN A 289 -32.83 21.15 -2.05
CA ASN A 289 -32.79 20.84 -3.49
C ASN A 289 -32.47 22.07 -4.31
N LYS A 290 -31.62 22.93 -3.76
CA LYS A 290 -31.24 24.20 -4.42
C LYS A 290 -30.05 23.96 -5.32
N ASP A 291 -30.28 23.99 -6.63
CA ASP A 291 -29.21 24.05 -7.61
C ASP A 291 -28.64 25.45 -7.66
N ASP A 292 -27.33 25.55 -7.86
CA ASP A 292 -26.66 26.83 -7.94
C ASP A 292 -25.26 26.65 -8.49
N GLU A 293 -25.07 26.96 -9.77
CA GLU A 293 -23.78 26.80 -10.44
C GLU A 293 -22.87 28.03 -10.35
N THR A 294 -23.21 29.00 -9.51
CA THR A 294 -22.40 30.17 -9.40
C THR A 294 -20.99 29.79 -8.95
N PRO A 295 -19.94 30.20 -9.71
CA PRO A 295 -18.61 29.86 -9.28
C PRO A 295 -18.20 30.68 -8.05
N THR A 296 -17.38 30.08 -7.21
CA THR A 296 -16.82 30.81 -6.08
C THR A 296 -15.57 31.57 -6.47
N LYS A 297 -15.17 32.49 -5.61
CA LYS A 297 -14.00 33.32 -5.82
C LYS A 297 -12.98 32.94 -4.74
N GLN A 298 -13.14 33.45 -3.52
CA GLN A 298 -12.21 33.14 -2.44
C GLN A 298 -12.75 32.02 -1.50
N ASP A 299 -14.06 31.96 -1.31
CA ASP A 299 -14.64 30.99 -0.37
C ASP A 299 -14.52 29.56 -0.88
N GLY A 300 -14.35 28.64 0.06
CA GLY A 300 -14.44 27.23 -0.26
C GLY A 300 -15.88 26.84 -0.31
N ILE A 301 -16.21 25.91 -1.21
CA ILE A 301 -17.58 25.44 -1.36
C ILE A 301 -17.64 23.93 -1.38
N GLY A 302 -18.84 23.41 -1.14
CA GLY A 302 -19.09 21.96 -1.11
C GLY A 302 -20.51 21.63 -1.50
N SER A 303 -20.80 20.33 -1.64
CA SER A 303 -22.10 19.84 -2.01
C SER A 303 -22.56 18.79 -1.01
N ALA A 304 -23.87 18.57 -0.99
CA ALA A 304 -24.49 17.62 -0.06
C ALA A 304 -25.53 16.80 -0.79
N ILE A 305 -25.50 15.49 -0.56
CA ILE A 305 -26.47 14.52 -1.09
C ILE A 305 -27.02 13.74 0.09
N ALA A 306 -28.35 13.70 0.21
CA ALA A 306 -28.99 13.02 1.34
C ALA A 306 -30.10 12.09 0.90
N VAL A 307 -30.34 11.06 1.72
CA VAL A 307 -31.54 10.24 1.58
C VAL A 307 -32.33 10.30 2.85
N ASN A 308 -33.66 10.30 2.72
CA ASN A 308 -34.54 10.24 3.88
C ASN A 308 -35.55 9.10 3.69
N PHE A 309 -35.82 8.42 4.80
CA PHE A 309 -36.72 7.26 4.79
C PHE A 309 -37.30 7.02 6.17
N LYS A 310 -38.40 6.30 6.20
CA LYS A 310 -39.05 5.88 7.44
C LYS A 310 -38.82 4.40 7.62
N LEU A 311 -38.30 4.01 8.77
CA LEU A 311 -38.16 2.58 9.11
C LEU A 311 -39.15 2.20 10.17
N GLN A 312 -39.97 1.21 9.84
CA GLN A 312 -40.89 0.63 10.80
C GLN A 312 -40.13 -0.33 11.73
N PRO A 313 -40.73 -0.69 12.87
CA PRO A 313 -40.11 -1.70 13.75
C PRO A 313 -39.70 -2.95 12.97
N GLY A 314 -38.45 -3.38 13.17
CA GLY A 314 -37.92 -4.58 12.50
C GLY A 314 -37.49 -4.47 11.05
N GLN A 315 -37.56 -3.27 10.47
CA GLN A 315 -37.32 -3.09 9.05
C GLN A 315 -35.84 -2.78 8.79
N THR A 316 -35.31 -3.33 7.71
CA THR A 316 -33.95 -3.05 7.25
C THR A 316 -34.03 -2.40 5.88
N ILE A 317 -33.13 -1.46 5.60
CA ILE A 317 -32.98 -0.93 4.26
C ILE A 317 -31.50 -0.75 3.93
N GLU A 318 -31.17 -0.90 2.65
CA GLU A 318 -29.81 -0.73 2.14
C GLU A 318 -29.80 0.36 1.09
N VAL A 319 -28.81 1.25 1.13
CA VAL A 319 -28.74 2.36 0.16
C VAL A 319 -27.27 2.64 -0.17
N PRO A 320 -26.91 2.70 -1.47
CA PRO A 320 -25.53 2.92 -1.84
C PRO A 320 -25.25 4.37 -2.23
N PHE A 321 -24.18 4.93 -1.64
CA PHE A 321 -23.60 6.18 -2.05
C PHE A 321 -22.26 5.87 -2.74
N ALA A 322 -21.72 6.86 -3.45
CA ALA A 322 -20.43 6.71 -4.06
C ALA A 322 -19.70 8.04 -4.12
N LEU A 323 -18.40 7.94 -4.30
CA LEU A 323 -17.49 9.08 -4.46
C LEU A 323 -16.56 8.77 -5.60
N SER A 324 -16.34 9.72 -6.50
CA SER A 324 -15.33 9.57 -7.55
C SER A 324 -14.51 10.83 -7.66
N TRP A 325 -13.33 10.68 -8.24
CA TRP A 325 -12.47 11.83 -8.52
C TRP A 325 -11.80 11.67 -9.84
N ASP A 326 -12.05 12.60 -10.75
CA ASP A 326 -11.44 12.56 -12.07
C ASP A 326 -10.40 13.67 -12.10
N LEU A 327 -9.17 13.31 -11.75
CA LEU A 327 -8.01 14.20 -11.78
C LEU A 327 -7.05 13.48 -12.72
N PRO A 328 -7.19 13.71 -14.04
CA PRO A 328 -6.54 12.82 -15.02
C PRO A 328 -5.02 12.91 -15.12
N ILE A 329 -4.44 14.02 -14.67
CA ILE A 329 -3.04 14.29 -14.90
C ILE A 329 -2.27 14.25 -13.60
N MET A 330 -1.16 13.51 -13.59
CA MET A 330 -0.20 13.57 -12.50
C MET A 330 1.03 14.31 -12.97
N LYS A 331 1.56 15.18 -12.12
CA LYS A 331 2.81 15.90 -12.41
C LYS A 331 3.84 15.52 -11.37
N PHE A 332 5.08 15.32 -11.82
CA PHE A 332 6.20 15.02 -10.94
C PHE A 332 7.10 16.25 -10.89
N GLY A 333 7.93 16.33 -9.86
CA GLY A 333 8.66 17.57 -9.57
C GLY A 333 9.64 17.98 -10.65
N GLY A 334 10.13 17.01 -11.43
CA GLY A 334 10.97 17.29 -12.57
C GLY A 334 10.27 17.86 -13.78
N GLY A 335 8.94 17.94 -13.76
CA GLY A 335 8.16 18.68 -14.76
C GLY A 335 7.29 17.82 -15.66
N ASP A 336 7.52 16.51 -15.67
CA ASP A 336 6.74 15.59 -16.52
C ASP A 336 5.32 15.48 -16.02
N LYS A 337 4.39 15.48 -16.97
CA LYS A 337 2.97 15.30 -16.75
C LYS A 337 2.55 14.05 -17.51
N TRP A 338 1.83 13.17 -16.81
CA TRP A 338 1.36 11.91 -17.35
C TRP A 338 -0.13 11.74 -17.08
N TYR A 339 -0.84 11.05 -17.97
CA TYR A 339 -2.21 10.66 -17.70
C TYR A 339 -2.22 9.43 -16.81
N LYS A 340 -3.21 9.37 -15.91
CA LYS A 340 -3.36 8.21 -15.03
C LYS A 340 -4.08 7.07 -15.75
N MET A 341 -3.83 5.85 -15.29
CA MET A 341 -4.29 4.63 -15.98
C MET A 341 -5.79 4.63 -16.28
N TYR A 342 -6.60 5.06 -15.30
CA TYR A 342 -8.06 4.97 -15.46
C TYR A 342 -8.57 5.78 -16.65
N THR A 343 -7.80 6.76 -17.10
CA THR A 343 -8.22 7.57 -18.26
C THR A 343 -8.39 6.72 -19.52
N LYS A 344 -7.78 5.54 -19.56
CA LYS A 344 -8.04 4.58 -20.63
C LYS A 344 -9.52 4.25 -20.77
N TYR A 345 -10.20 4.17 -19.64
CA TYR A 345 -11.58 3.70 -19.57
C TYR A 345 -12.60 4.82 -19.56
N PHE A 346 -12.23 6.04 -19.17
CA PHE A 346 -13.19 7.14 -19.01
C PHE A 346 -12.89 8.41 -19.79
N GLY A 347 -11.69 8.48 -20.36
CA GLY A 347 -11.23 9.67 -21.06
C GLY A 347 -10.25 10.48 -20.25
N LYS A 348 -9.69 11.50 -20.90
CA LYS A 348 -8.55 12.28 -20.39
C LYS A 348 -8.88 13.75 -20.09
N ASN A 349 -10.08 14.20 -20.42
CA ASN A 349 -10.40 15.63 -20.33
C ASN A 349 -10.75 16.14 -18.94
N GLY A 350 -10.82 15.24 -17.95
CA GLY A 350 -11.12 15.66 -16.58
C GLY A 350 -12.55 16.14 -16.35
N LYS A 351 -13.48 15.71 -17.21
CA LYS A 351 -14.89 16.06 -17.05
C LYS A 351 -15.78 14.82 -16.98
N ASN A 352 -15.27 13.78 -16.33
CA ASN A 352 -15.89 12.45 -16.37
C ASN A 352 -16.19 11.87 -15.01
N SER A 353 -16.20 12.68 -13.97
CA SER A 353 -16.44 12.14 -12.64
C SER A 353 -17.80 11.47 -12.54
N PHE A 354 -18.82 12.04 -13.19
CA PHE A 354 -20.15 11.44 -13.12
C PHE A 354 -20.17 10.06 -13.74
N ALA A 355 -19.53 9.90 -14.91
CA ALA A 355 -19.48 8.58 -15.56
C ALA A 355 -18.90 7.50 -14.63
N ILE A 356 -17.85 7.87 -13.90
CA ILE A 356 -17.15 6.94 -13.00
C ILE A 356 -18.08 6.57 -11.83
N LEU A 357 -18.72 7.59 -11.27
CA LEU A 357 -19.65 7.42 -10.17
C LEU A 357 -20.82 6.52 -10.57
N LYS A 358 -21.37 6.79 -11.75
CA LYS A 358 -22.52 6.01 -12.24
C LYS A 358 -22.16 4.53 -12.45
N GLU A 359 -20.99 4.26 -13.01
CA GLU A 359 -20.51 2.88 -13.18
CA GLU A 359 -20.56 2.87 -13.18
C GLU A 359 -20.48 2.18 -11.82
N ALA A 360 -19.98 2.89 -10.80
CA ALA A 360 -19.87 2.30 -9.46
C ALA A 360 -21.24 2.05 -8.86
N LEU A 361 -22.13 3.03 -8.94
CA LEU A 361 -23.46 2.86 -8.35
C LEU A 361 -24.27 1.75 -9.04
N ASN A 362 -24.07 1.55 -10.33
CA ASN A 362 -24.78 0.49 -11.06
C ASN A 362 -24.14 -0.89 -11.00
N ASN A 363 -22.90 -0.99 -10.53
CA ASN A 363 -22.18 -2.27 -10.56
C ASN A 363 -21.57 -2.70 -9.24
N TYR A 364 -21.84 -1.97 -8.15
CA TYR A 364 -21.14 -2.25 -6.88
C TYR A 364 -21.40 -3.65 -6.36
N GLN A 365 -22.61 -4.19 -6.60
CA GLN A 365 -22.94 -5.55 -6.10
C GLN A 365 -22.07 -6.60 -6.78
N LYS A 366 -21.86 -6.44 -8.08
CA LYS A 366 -20.95 -7.30 -8.81
C LYS A 366 -19.52 -7.21 -8.25
N TRP A 367 -19.09 -5.98 -7.99
CA TRP A 367 -17.74 -5.76 -7.45
C TRP A 367 -17.55 -6.44 -6.08
N GLU A 368 -18.55 -6.33 -5.23
CA GLU A 368 -18.51 -6.98 -3.91
C GLU A 368 -18.30 -8.49 -4.07
N LYS A 369 -19.01 -9.07 -5.02
CA LYS A 369 -18.93 -10.52 -5.25
C LYS A 369 -17.56 -10.89 -5.82
N MET A 370 -16.99 -10.06 -6.69
CA MET A 370 -15.65 -10.30 -7.22
C MET A 370 -14.60 -10.25 -6.09
N ILE A 371 -14.78 -9.33 -5.16
CA ILE A 371 -13.88 -9.22 -4.00
C ILE A 371 -14.02 -10.47 -3.11
N ASP A 372 -15.25 -10.86 -2.82
CA ASP A 372 -15.51 -12.06 -2.03
C ASP A 372 -14.89 -13.30 -2.68
N ASP A 373 -15.01 -13.37 -4.01
CA ASP A 373 -14.51 -14.51 -4.76
C ASP A 373 -13.00 -14.67 -4.62
N TRP A 374 -12.27 -13.56 -4.54
CA TRP A 374 -10.83 -13.63 -4.37
CA TRP A 374 -10.83 -13.59 -4.37
C TRP A 374 -10.41 -13.82 -2.92
N GLN A 375 -11.15 -13.26 -1.97
CA GLN A 375 -10.81 -13.44 -0.54
C GLN A 375 -11.22 -14.81 0.00
N LYS A 376 -12.26 -15.42 -0.58
CA LYS A 376 -12.86 -16.64 -0.02
C LYS A 376 -11.90 -17.83 0.16
N PRO A 377 -11.04 -18.12 -0.85
CA PRO A 377 -10.12 -19.27 -0.69
C PRO A 377 -9.27 -19.21 0.57
N ILE A 378 -8.80 -18.02 0.93
CA ILE A 378 -8.04 -17.84 2.14
C ILE A 378 -8.95 -17.82 3.35
N LEU A 379 -10.02 -17.03 3.30
CA LEU A 379 -10.88 -16.88 4.48
C LEU A 379 -11.53 -18.20 4.88
N SER A 380 -11.86 -19.03 3.90
CA SER A 380 -12.52 -20.33 4.14
C SER A 380 -11.57 -21.42 4.64
N ASN A 381 -10.26 -21.17 4.63
CA ASN A 381 -9.27 -22.15 5.08
C ASN A 381 -9.17 -22.07 6.60
N LYS A 382 -9.86 -22.98 7.27
CA LYS A 382 -9.91 -23.00 8.72
C LYS A 382 -8.65 -23.54 9.39
N SER A 383 -7.64 -23.96 8.62
CA SER A 383 -6.35 -24.30 9.21
C SER A 383 -5.51 -23.05 9.51
N LYS A 384 -5.86 -21.92 8.92
CA LYS A 384 -5.09 -20.70 9.12
C LYS A 384 -5.73 -19.82 10.18
N PRO A 385 -4.93 -19.31 11.12
CA PRO A 385 -5.50 -18.44 12.14
C PRO A 385 -6.00 -17.11 11.59
N ASP A 386 -7.02 -16.55 12.25
CA ASP A 386 -7.57 -15.24 11.84
C ASP A 386 -6.52 -14.14 11.77
N TRP A 387 -5.61 -14.08 12.75
CA TRP A 387 -4.63 -12.98 12.79
C TRP A 387 -3.81 -12.92 11.51
N TYR A 388 -3.50 -14.10 10.96
CA TYR A 388 -2.70 -14.22 9.75
C TYR A 388 -3.47 -13.63 8.55
N LYS A 389 -4.77 -13.94 8.50
CA LYS A 389 -5.67 -13.38 7.48
C LYS A 389 -5.78 -11.86 7.60
N THR A 390 -5.86 -11.36 8.83
CA THR A 390 -5.89 -9.92 9.09
C THR A 390 -4.69 -9.24 8.45
N ALA A 391 -3.52 -9.78 8.71
CA ALA A 391 -2.30 -9.23 8.14
C ALA A 391 -2.20 -9.43 6.63
N LEU A 392 -2.49 -10.64 6.15
CA LEU A 392 -2.34 -10.92 4.74
C LEU A 392 -3.15 -9.94 3.88
N PHE A 393 -4.41 -9.73 4.23
CA PHE A 393 -5.22 -8.81 3.43
C PHE A 393 -4.90 -7.35 3.69
N ASN A 394 -4.77 -6.97 4.96
CA ASN A 394 -4.57 -5.57 5.25
C ASN A 394 -3.21 -5.02 4.83
N GLU A 395 -2.16 -5.84 4.76
CA GLU A 395 -0.87 -5.35 4.21
C GLU A 395 -0.99 -4.85 2.76
N LEU A 396 -1.95 -5.40 2.01
CA LEU A 396 -2.17 -5.01 0.63
C LEU A 396 -2.61 -3.56 0.45
N TYR A 397 -3.00 -2.88 1.55
CA TYR A 397 -3.33 -1.45 1.51
C TYR A 397 -2.22 -0.70 0.73
N TYR A 398 -0.97 -1.14 0.91
CA TYR A 398 0.17 -0.40 0.36
C TYR A 398 0.21 -0.41 -1.18
N LEU A 399 -0.37 -1.42 -1.83
CA LEU A 399 -0.36 -1.45 -3.30
C LEU A 399 -1.05 -0.22 -3.86
N ALA A 400 -2.11 0.21 -3.17
CA ALA A 400 -2.82 1.45 -3.53
C ALA A 400 -2.19 2.68 -2.88
N ASP A 401 -1.79 2.56 -1.62
CA ASP A 401 -1.36 3.71 -0.83
C ASP A 401 0.10 4.07 -0.99
N GLY A 402 0.86 3.32 -1.76
CA GLY A 402 2.30 3.58 -1.88
C GLY A 402 2.71 4.53 -2.99
N GLY A 403 1.96 5.63 -3.17
CA GLY A 403 2.32 6.64 -4.18
C GLY A 403 2.25 6.11 -5.60
N THR A 404 1.38 5.12 -5.80
CA THR A 404 1.40 4.29 -6.98
C THR A 404 1.13 5.09 -8.23
N ALA A 405 2.03 4.95 -9.20
CA ALA A 405 1.95 5.67 -10.46
C ALA A 405 1.76 4.67 -11.57
N TRP A 406 0.78 4.91 -12.46
CA TRP A 406 0.44 3.97 -13.51
C TRP A 406 -0.02 4.81 -14.68
N GLU A 407 0.85 4.98 -15.69
CA GLU A 407 0.64 5.99 -16.73
C GLU A 407 -0.07 5.47 -17.98
N ASN A 408 -0.88 6.35 -18.56
CA ASN A 408 -1.56 6.12 -19.82
C ASN A 408 -1.22 7.24 -20.80
N GLY A 409 0.07 7.51 -20.92
CA GLY A 409 0.60 8.48 -21.87
C GLY A 409 1.17 9.72 -21.21
N LYS A 410 2.22 10.26 -21.83
CA LYS A 410 2.78 11.54 -21.41
C LYS A 410 1.89 12.63 -21.99
N VAL A 411 1.65 13.69 -21.24
CA VAL A 411 0.82 14.79 -21.70
C VAL A 411 1.57 15.45 -22.87
N GLY A 412 0.86 15.65 -23.98
CA GLY A 412 1.45 16.19 -25.22
C GLY A 412 1.77 15.13 -26.27
N GLU A 413 2.42 14.04 -25.84
CA GLU A 413 3.00 13.04 -26.75
C GLU A 413 2.03 11.91 -27.05
N LYS A 416 1.09 7.06 -29.06
CA LYS A 416 0.76 6.15 -27.97
C LYS A 416 1.65 4.91 -27.96
N ARG A 417 1.86 4.34 -26.78
CA ARG A 417 2.61 3.09 -26.63
C ARG A 417 1.66 1.96 -26.29
N THR A 418 2.18 0.73 -26.38
CA THR A 418 1.41 -0.47 -26.05
C THR A 418 1.27 -0.64 -24.55
N ASN A 419 2.34 -0.31 -23.82
CA ASN A 419 2.44 -0.61 -22.39
C ASN A 419 2.24 0.62 -21.51
N ASN A 420 1.88 0.34 -20.27
CA ASN A 420 1.53 1.38 -19.30
C ASN A 420 2.53 1.24 -18.17
N MET A 421 3.47 2.16 -18.07
CA MET A 421 4.52 2.05 -17.05
C MET A 421 3.93 2.18 -15.65
N PHE A 422 4.55 1.51 -14.68
CA PHE A 422 4.02 1.38 -13.32
C PHE A 422 5.14 1.60 -12.33
N GLY A 423 4.79 2.16 -11.17
CA GLY A 423 5.74 2.26 -10.09
C GLY A 423 5.08 2.40 -8.74
N LEU A 424 5.61 1.64 -7.78
CA LEU A 424 5.27 1.71 -6.37
C LEU A 424 6.48 2.26 -5.60
N LEU A 425 6.25 3.22 -4.71
CA LEU A 425 7.34 3.76 -3.88
C LEU A 425 7.86 2.76 -2.88
N ALA A 426 9.15 2.83 -2.59
CA ALA A 426 9.69 2.15 -1.40
C ALA A 426 8.97 2.62 -0.13
N CYS A 427 8.86 3.95 -0.01
CA CYS A 427 8.06 4.62 1.02
C CYS A 427 8.04 6.11 0.70
N PHE A 428 7.46 6.93 1.57
CA PHE A 428 7.37 8.37 1.35
C PHE A 428 8.60 9.11 1.86
N ASP A 429 9.21 8.62 2.93
CA ASP A 429 10.44 9.24 3.48
C ASP A 429 11.63 9.07 2.54
N TYR A 430 11.68 7.92 1.87
CA TYR A 430 12.71 7.59 0.91
C TYR A 430 11.98 7.39 -0.40
N ASN A 431 11.77 8.52 -1.09
CA ASN A 431 10.77 8.64 -2.15
C ASN A 431 11.33 8.15 -3.49
N TYR A 432 11.50 6.83 -3.59
CA TYR A 432 12.15 6.18 -4.74
C TYR A 432 11.22 5.11 -5.27
N TYR A 433 10.93 5.17 -6.57
CA TYR A 433 10.05 4.18 -7.22
C TYR A 433 10.73 2.85 -7.48
N GLU A 434 10.04 1.78 -7.08
CA GLU A 434 10.41 0.42 -7.43
C GLU A 434 11.77 -0.05 -6.95
N THR A 435 12.24 0.51 -5.84
CA THR A 435 13.53 0.15 -5.29
C THR A 435 13.73 -1.35 -5.39
N LEU A 436 14.68 -1.78 -6.22
CA LEU A 436 14.74 -3.18 -6.60
C LEU A 436 15.15 -4.09 -5.45
N ASP A 437 16.07 -3.61 -4.59
CA ASP A 437 16.52 -4.41 -3.44
C ASP A 437 15.39 -4.65 -2.42
N VAL A 438 14.39 -3.76 -2.45
CA VAL A 438 13.18 -3.84 -1.64
C VAL A 438 12.09 -4.64 -2.31
N ARG A 439 11.88 -4.42 -3.61
CA ARG A 439 10.81 -5.14 -4.34
C ARG A 439 11.08 -6.65 -4.42
N PHE A 440 12.34 -7.05 -4.30
CA PHE A 440 12.71 -8.46 -4.14
C PHE A 440 11.84 -9.13 -3.07
N TYR A 441 11.54 -8.37 -2.01
CA TYR A 441 10.63 -8.79 -0.96
C TYR A 441 9.20 -8.34 -1.23
N GLY A 442 9.03 -7.06 -1.59
CA GLY A 442 7.72 -6.43 -1.57
C GLY A 442 6.82 -6.68 -2.77
N SER A 443 7.34 -7.32 -3.83
CA SER A 443 6.58 -7.46 -5.07
C SER A 443 5.75 -8.76 -5.16
N PHE A 444 5.74 -9.57 -4.12
CA PHE A 444 4.98 -10.83 -4.15
C PHE A 444 3.49 -10.66 -4.50
N PRO A 445 2.79 -9.68 -3.90
CA PRO A 445 1.39 -9.54 -4.31
C PRO A 445 1.25 -9.23 -5.80
N LEU A 446 2.19 -8.48 -6.37
CA LEU A 446 2.07 -8.17 -7.80
C LEU A 446 2.24 -9.42 -8.65
N VAL A 447 3.28 -10.22 -8.40
CA VAL A 447 3.45 -11.42 -9.22
C VAL A 447 2.29 -12.41 -9.03
N MET A 448 1.76 -12.49 -7.81
CA MET A 448 0.73 -13.47 -7.48
C MET A 448 -0.66 -13.06 -7.94
N LEU A 449 -0.95 -11.76 -7.91
CA LEU A 449 -2.31 -11.25 -8.08
C LEU A 449 -2.50 -10.29 -9.26
N TRP A 450 -1.44 -9.60 -9.69
CA TRP A 450 -1.46 -8.68 -10.85
C TRP A 450 -0.21 -8.90 -11.71
N PRO A 451 -0.04 -10.12 -12.22
CA PRO A 451 1.24 -10.43 -12.87
C PRO A 451 1.58 -9.61 -14.13
N ASP A 452 0.58 -9.09 -14.84
CA ASP A 452 0.89 -8.25 -16.01
C ASP A 452 1.58 -6.95 -15.58
N ILE A 453 1.22 -6.41 -14.42
CA ILE A 453 1.95 -5.27 -13.85
C ILE A 453 3.37 -5.67 -13.47
N GLU A 454 3.50 -6.78 -12.77
CA GLU A 454 4.81 -7.26 -12.36
C GLU A 454 5.78 -7.41 -13.53
N LYS A 455 5.33 -8.04 -14.61
CA LYS A 455 6.20 -8.28 -15.76
C LYS A 455 6.56 -6.97 -16.45
N GLN A 456 5.61 -6.04 -16.51
CA GLN A 456 5.90 -4.69 -17.02
C GLN A 456 7.01 -3.99 -16.22
N VAL A 457 6.92 -4.03 -14.89
CA VAL A 457 7.95 -3.43 -14.05
C VAL A 457 9.30 -4.08 -14.33
N MET A 458 9.33 -5.41 -14.46
CA MET A 458 10.60 -6.08 -14.73
C MET A 458 11.16 -5.74 -16.11
N ARG A 459 10.30 -5.58 -17.11
CA ARG A 459 10.78 -5.13 -18.42
C ARG A 459 11.34 -3.70 -18.35
N GLN A 460 10.73 -2.85 -17.52
CA GLN A 460 11.29 -1.52 -17.22
C GLN A 460 12.73 -1.61 -16.72
N PHE A 461 12.99 -2.52 -15.78
CA PHE A 461 14.35 -2.73 -15.30
C PHE A 461 15.28 -3.29 -16.40
N ALA A 462 14.81 -4.27 -17.16
CA ALA A 462 15.59 -4.83 -18.29
C ALA A 462 16.08 -3.72 -19.24
N ASP A 463 15.19 -2.80 -19.56
CA ASP A 463 15.51 -1.66 -20.44
C ASP A 463 16.60 -0.73 -19.90
N THR A 464 16.81 -0.69 -18.58
CA THR A 464 17.83 0.19 -18.00
C THR A 464 19.23 -0.41 -17.92
N ILE A 465 19.37 -1.72 -18.17
CA ILE A 465 20.62 -2.42 -17.85
C ILE A 465 21.83 -1.70 -18.47
N ASN A 466 21.75 -1.35 -19.75
CA ASN A 466 22.90 -0.80 -20.47
C ASN A 466 22.86 0.71 -20.58
N VAL A 467 21.94 1.36 -19.84
CA VAL A 467 21.94 2.82 -19.75
C VAL A 467 23.21 3.25 -19.03
N GLN A 468 23.84 4.30 -19.54
CA GLN A 468 25.02 4.89 -18.94
C GLN A 468 24.68 6.37 -18.73
N ASP A 469 24.96 6.87 -17.52
CA ASP A 469 24.85 8.28 -17.23
C ASP A 469 26.12 8.65 -16.50
N SER A 470 27.03 9.31 -17.21
CA SER A 470 28.36 9.65 -16.70
C SER A 470 28.41 10.89 -15.82
N SER A 471 27.30 11.61 -15.69
CA SER A 471 27.22 12.71 -14.74
C SER A 471 27.38 12.20 -13.31
N GLU A 472 27.90 13.04 -12.44
CA GLU A 472 28.30 12.61 -11.09
C GLU A 472 27.38 13.18 -10.02
N PHE A 473 27.25 12.43 -8.93
CA PHE A 473 26.47 12.86 -7.77
C PHE A 473 27.30 12.62 -6.50
N LYS A 474 26.99 13.38 -5.45
CA LYS A 474 27.68 13.24 -4.17
C LYS A 474 27.00 12.14 -3.39
N VAL A 475 27.78 11.13 -3.02
CA VAL A 475 27.30 10.00 -2.22
C VAL A 475 27.08 10.52 -0.80
N GLY A 476 25.89 10.26 -0.26
CA GLY A 476 25.51 10.80 1.04
C GLY A 476 26.33 10.29 2.21
N SER A 477 26.64 8.99 2.21
CA SER A 477 27.28 8.37 3.37
C SER A 477 28.73 8.83 3.59
N ASN A 478 29.42 9.20 2.52
CA ASN A 478 30.86 9.54 2.61
C ASN A 478 31.28 10.86 1.95
N GLY A 479 30.41 11.49 1.18
CA GLY A 479 30.74 12.74 0.48
C GLY A 479 31.52 12.60 -0.83
N ALA A 480 31.81 11.37 -1.25
CA ALA A 480 32.55 11.13 -2.49
C ALA A 480 31.67 11.32 -3.70
N MET A 481 32.28 11.69 -4.82
CA MET A 481 31.56 11.79 -6.10
C MET A 481 31.52 10.43 -6.78
N ALA A 482 30.40 10.12 -7.43
CA ALA A 482 30.26 8.86 -8.18
C ALA A 482 29.41 9.07 -9.41
N VAL A 483 29.65 8.21 -10.40
CA VAL A 483 28.89 8.18 -11.64
C VAL A 483 27.45 7.72 -11.35
N LYS A 484 26.49 8.41 -11.96
CA LYS A 484 25.06 8.18 -11.74
C LYS A 484 24.62 6.76 -12.11
N LYS A 485 24.99 6.29 -13.29
CA LYS A 485 24.53 5.00 -13.77
C LYS A 485 25.60 4.36 -14.64
N VAL A 486 26.00 3.15 -14.27
CA VAL A 486 27.07 2.42 -14.94
C VAL A 486 26.45 1.36 -15.85
N GLN A 487 26.97 1.25 -17.07
CA GLN A 487 26.50 0.23 -18.01
C GLN A 487 26.65 -1.17 -17.40
N GLY A 488 25.57 -1.95 -17.48
CA GLY A 488 25.56 -3.31 -16.99
C GLY A 488 25.18 -3.51 -15.54
N MET A 489 25.00 -2.42 -14.80
CA MET A 489 24.57 -2.48 -13.40
C MET A 489 23.09 -2.10 -13.35
N ILE A 490 22.33 -2.92 -12.65
CA ILE A 490 20.92 -2.66 -12.45
C ILE A 490 20.77 -1.44 -11.53
N PRO A 491 19.79 -0.57 -11.83
CA PRO A 491 19.59 0.59 -10.99
C PRO A 491 18.92 0.24 -9.67
N HIS A 492 19.22 1.03 -8.65
CA HIS A 492 18.56 0.96 -7.36
C HIS A 492 17.05 1.22 -7.46
N ASP A 493 16.70 2.20 -8.28
CA ASP A 493 15.31 2.64 -8.41
C ASP A 493 15.07 3.28 -9.76
N LEU A 494 13.78 3.53 -10.04
CA LEU A 494 13.36 4.13 -11.29
C LEU A 494 12.96 5.59 -11.14
N GLY A 495 13.55 6.27 -10.17
CA GLY A 495 13.39 7.70 -9.98
C GLY A 495 12.57 8.04 -8.75
N SER A 496 12.30 9.33 -8.61
CA SER A 496 11.57 9.87 -7.47
C SER A 496 10.40 10.73 -7.93
N SER A 497 9.32 10.77 -7.17
CA SER A 497 8.19 11.64 -7.53
C SER A 497 8.54 13.13 -7.52
N TYR A 498 9.62 13.48 -6.83
CA TYR A 498 10.15 14.87 -6.81
C TYR A 498 10.94 15.23 -8.08
N ALA A 499 11.24 14.22 -8.90
CA ALA A 499 12.09 14.37 -10.06
C ALA A 499 11.37 13.74 -11.26
N LEU A 500 11.90 12.69 -11.89
CA LEU A 500 11.32 12.19 -13.12
C LEU A 500 11.20 10.67 -13.13
N PRO A 501 10.16 10.14 -12.49
CA PRO A 501 9.90 8.70 -12.53
C PRO A 501 9.97 8.13 -13.95
N TRP A 502 10.63 6.97 -14.05
CA TRP A 502 10.81 6.20 -15.29
C TRP A 502 11.83 6.78 -16.26
N ILE A 503 12.18 8.05 -16.08
CA ILE A 503 13.01 8.79 -17.03
C ILE A 503 14.42 8.99 -16.45
N LYS A 504 14.49 9.48 -15.22
CA LYS A 504 15.76 9.65 -14.50
C LYS A 504 15.84 8.66 -13.35
N ILE A 505 16.55 7.58 -13.61
CA ILE A 505 16.70 6.49 -12.65
C ILE A 505 17.80 6.78 -11.61
N ASN A 506 17.89 5.92 -10.58
CA ASN A 506 18.85 6.08 -9.50
C ASN A 506 18.77 7.45 -8.81
N ALA A 507 17.55 7.82 -8.41
CA ALA A 507 17.37 8.99 -7.56
C ALA A 507 18.05 8.83 -6.20
N TYR A 508 18.09 7.60 -5.68
CA TYR A 508 18.75 7.31 -4.42
C TYR A 508 20.23 7.66 -4.49
N ASP A 509 20.72 8.30 -3.43
CA ASP A 509 22.14 8.73 -3.37
C ASP A 509 22.84 8.53 -2.03
N TRP A 510 22.22 7.84 -1.07
CA TRP A 510 22.85 7.60 0.22
C TRP A 510 24.11 6.74 0.08
N GLN A 511 24.04 5.75 -0.80
CA GLN A 511 25.18 4.96 -1.24
C GLN A 511 25.22 4.98 -2.77
N ASN A 512 26.30 4.46 -3.34
CA ASN A 512 26.40 4.30 -4.77
C ASN A 512 25.89 2.91 -5.19
N PRO A 513 24.67 2.83 -5.75
CA PRO A 513 24.14 1.50 -6.10
C PRO A 513 24.84 0.79 -7.26
N ASN A 514 25.67 1.50 -8.01
CA ASN A 514 26.42 0.88 -9.11
C ASN A 514 27.52 -0.07 -8.63
N ILE A 515 27.82 -0.06 -7.33
CA ILE A 515 28.74 -1.05 -6.77
C ILE A 515 28.05 -2.00 -5.81
N TRP A 516 26.72 -2.02 -5.81
CA TRP A 516 26.02 -2.95 -4.92
C TRP A 516 26.17 -4.39 -5.39
N LYS A 517 26.17 -5.30 -4.43
CA LYS A 517 26.43 -6.71 -4.72
C LYS A 517 25.16 -7.54 -4.73
N ASP A 518 24.01 -6.96 -4.36
CA ASP A 518 22.71 -7.67 -4.37
C ASP A 518 21.78 -7.32 -5.54
N LEU A 519 21.92 -6.13 -6.14
CA LEU A 519 20.92 -5.67 -7.11
C LEU A 519 20.91 -6.55 -8.35
N ASN A 520 22.10 -6.83 -8.90
CA ASN A 520 22.16 -7.62 -10.13
C ASN A 520 21.64 -9.05 -9.94
N SER A 521 21.96 -9.68 -8.81
CA SER A 521 21.46 -11.03 -8.50
CA SER A 521 21.46 -11.03 -8.52
C SER A 521 19.96 -11.03 -8.23
N LYS A 522 19.51 -10.07 -7.43
CA LYS A 522 18.04 -9.94 -7.14
C LYS A 522 17.24 -9.75 -8.41
N TYR A 523 17.79 -8.97 -9.35
CA TYR A 523 17.16 -8.76 -10.64
C TYR A 523 16.91 -10.08 -11.38
N VAL A 524 17.95 -10.89 -11.49
CA VAL A 524 17.87 -12.18 -12.14
C VAL A 524 16.85 -13.08 -11.43
N LEU A 525 16.92 -13.11 -10.11
CA LEU A 525 15.99 -13.89 -9.31
C LEU A 525 14.53 -13.47 -9.47
N LEU A 526 14.28 -12.17 -9.51
CA LEU A 526 12.95 -11.64 -9.82
C LEU A 526 12.45 -12.05 -11.20
N VAL A 527 13.33 -11.97 -12.20
CA VAL A 527 12.97 -12.43 -13.54
C VAL A 527 12.53 -13.90 -13.50
N TYR A 528 13.34 -14.77 -12.90
CA TYR A 528 13.02 -16.19 -12.93
C TYR A 528 11.77 -16.47 -12.08
N ARG A 529 11.68 -15.81 -10.94
CA ARG A 529 10.47 -15.87 -10.13
C ARG A 529 9.20 -15.59 -10.94
N ASP A 530 9.23 -14.53 -11.75
CA ASP A 530 8.07 -14.09 -12.46
C ASP A 530 7.65 -15.07 -13.55
N TYR A 531 8.64 -15.78 -14.11
CA TYR A 531 8.37 -16.91 -15.00
C TYR A 531 7.78 -18.11 -14.26
N VAL A 532 8.36 -18.49 -13.13
CA VAL A 532 7.91 -19.69 -12.40
C VAL A 532 6.51 -19.53 -11.80
N LEU A 533 6.28 -18.40 -11.14
CA LEU A 533 5.02 -18.16 -10.46
C LEU A 533 3.87 -17.75 -11.37
N THR A 534 4.11 -17.62 -12.68
CA THR A 534 3.03 -17.45 -13.66
C THR A 534 2.90 -18.68 -14.59
N GLY A 535 3.40 -19.82 -14.13
CA GLY A 535 3.13 -21.11 -14.77
C GLY A 535 4.22 -21.69 -15.63
N LYS A 536 5.40 -21.08 -15.64
CA LYS A 536 6.51 -21.51 -16.52
C LYS A 536 6.10 -21.61 -17.99
N THR A 537 5.29 -20.67 -18.46
CA THR A 537 4.84 -20.62 -19.86
C THR A 537 5.30 -19.39 -20.64
N ASP A 538 5.75 -18.33 -19.95
CA ASP A 538 6.01 -17.06 -20.61
C ASP A 538 7.46 -17.01 -21.11
N LYS A 539 7.72 -17.76 -22.17
CA LYS A 539 9.04 -17.79 -22.79
C LYS A 539 9.40 -16.41 -23.39
N GLU A 540 8.40 -15.70 -23.90
CA GLU A 540 8.63 -14.35 -24.45
C GLU A 540 9.16 -13.39 -23.40
N PHE A 541 8.69 -13.51 -22.16
CA PHE A 541 9.23 -12.69 -21.04
C PHE A 541 10.70 -13.02 -20.77
N LEU A 542 11.03 -14.33 -20.74
CA LEU A 542 12.41 -14.75 -20.60
C LEU A 542 13.26 -14.26 -21.78
N LYS A 543 12.73 -14.33 -23.00
CA LYS A 543 13.47 -13.82 -24.17
C LYS A 543 13.75 -12.33 -24.08
N TYR A 544 12.73 -11.55 -23.69
CA TYR A 544 12.87 -10.11 -23.54
C TYR A 544 13.99 -9.74 -22.57
N THR A 545 14.07 -10.45 -21.45
CA THR A 545 14.98 -10.12 -20.38
C THR A 545 16.34 -10.84 -20.40
N TRP A 546 16.54 -11.79 -21.32
CA TRP A 546 17.71 -12.68 -21.27
C TRP A 546 19.05 -11.96 -21.40
N LYS A 547 19.17 -11.06 -22.37
CA LYS A 547 20.42 -10.29 -22.51
C LYS A 547 20.80 -9.55 -21.24
N SER A 548 19.80 -8.94 -20.58
CA SER A 548 20.05 -8.19 -19.35
C SER A 548 20.45 -9.09 -18.21
N VAL A 549 19.86 -10.29 -18.14
CA VAL A 549 20.21 -11.29 -17.13
C VAL A 549 21.69 -11.69 -17.25
N LYS A 550 22.10 -12.05 -18.46
CA LYS A 550 23.49 -12.41 -18.72
C LYS A 550 24.44 -11.25 -18.40
N THR A 551 24.09 -10.06 -18.88
CA THR A 551 24.89 -8.87 -18.60
C THR A 551 25.02 -8.63 -17.09
N ALA A 552 23.89 -8.72 -16.38
CA ALA A 552 23.89 -8.51 -14.95
C ALA A 552 24.84 -9.46 -14.18
N LEU A 553 24.78 -10.74 -14.51
CA LEU A 553 25.63 -11.73 -13.83
C LEU A 553 27.12 -11.55 -14.20
N ASP A 554 27.37 -11.28 -15.47
CA ASP A 554 28.75 -11.10 -15.98
C ASP A 554 29.42 -9.91 -15.33
N LYS A 555 28.69 -8.80 -15.20
CA LYS A 555 29.24 -7.63 -14.51
C LYS A 555 29.49 -7.89 -13.03
N LEU A 556 28.58 -8.62 -12.37
CA LEU A 556 28.77 -8.94 -10.96
C LEU A 556 29.98 -9.87 -10.71
N LYS A 557 30.26 -10.77 -11.65
CA LYS A 557 31.42 -11.67 -11.56
C LYS A 557 32.73 -10.88 -11.50
N GLU A 558 32.79 -9.75 -12.20
CA GLU A 558 33.99 -8.87 -12.19
C GLU A 558 34.32 -8.28 -10.81
N MET A 559 33.34 -8.25 -9.90
CA MET A 559 33.55 -7.78 -8.53
C MET A 559 34.12 -8.84 -7.59
N ASP A 560 34.41 -10.03 -8.11
CA ASP A 560 35.18 -11.04 -7.38
C ASP A 560 36.65 -10.62 -7.39
N LYS A 561 37.13 -10.14 -6.26
CA LYS A 561 38.51 -9.62 -6.14
C LYS A 561 39.59 -10.71 -5.99
N ASP A 562 39.24 -11.88 -5.49
CA ASP A 562 40.23 -12.88 -5.07
C ASP A 562 40.06 -14.25 -5.73
N ASN A 563 39.29 -14.29 -6.81
CA ASN A 563 39.02 -15.51 -7.57
C ASN A 563 38.50 -16.72 -6.76
N ASP A 564 37.68 -16.46 -5.73
CA ASP A 564 36.92 -17.56 -5.07
C ASP A 564 35.57 -17.82 -5.77
N GLY A 565 35.29 -17.09 -6.85
CA GLY A 565 34.08 -17.26 -7.66
C GLY A 565 32.86 -16.47 -7.18
N ILE A 566 33.06 -15.63 -6.16
CA ILE A 566 31.96 -14.90 -5.49
C ILE A 566 32.31 -13.42 -5.45
N PRO A 567 31.37 -12.52 -5.82
CA PRO A 567 31.67 -11.10 -5.63
C PRO A 567 32.03 -10.73 -4.20
N ASP A 568 32.97 -9.80 -4.04
CA ASP A 568 33.42 -9.35 -2.72
C ASP A 568 32.67 -8.12 -2.25
N ASN A 569 32.01 -8.20 -1.09
CA ASN A 569 31.51 -7.00 -0.42
C ASN A 569 32.74 -6.17 0.02
N GLU A 570 32.63 -4.85 -0.06
CA GLU A 570 33.82 -3.98 0.02
C GLU A 570 34.08 -3.29 1.37
N GLY A 571 33.54 -3.84 2.44
CA GLY A 571 33.70 -3.26 3.76
C GLY A 571 32.93 -1.96 3.94
N ILE A 572 31.93 -1.76 3.09
CA ILE A 572 30.99 -0.66 3.21
C ILE A 572 29.58 -1.24 3.01
N PRO A 573 28.54 -0.45 3.30
CA PRO A 573 27.19 -0.98 3.01
C PRO A 573 26.89 -0.97 1.51
N ASP A 574 27.15 -2.09 0.84
CA ASP A 574 26.98 -2.17 -0.62
C ASP A 574 25.86 -3.16 -1.00
N GLN A 575 24.74 -2.98 -0.32
CA GLN A 575 23.54 -3.80 -0.53
C GLN A 575 22.41 -3.20 0.32
N THR A 576 21.24 -3.85 0.29
CA THR A 576 20.01 -3.31 0.90
C THR A 576 20.12 -2.86 2.35
N TYR A 577 20.96 -3.53 3.13
CA TYR A 577 21.21 -3.09 4.49
C TYR A 577 22.26 -2.00 4.36
N ASP A 578 21.77 -0.83 3.95
CA ASP A 578 22.65 0.23 3.42
C ASP A 578 23.30 1.13 4.49
N THR A 579 23.22 0.74 5.76
CA THR A 579 24.18 1.24 6.76
C THR A 579 24.98 0.12 7.43
N TRP A 580 24.74 -1.15 7.06
CA TRP A 580 25.40 -2.30 7.67
C TRP A 580 26.47 -2.84 6.72
N SER A 581 27.74 -2.70 7.10
N SER A 581 27.75 -2.67 7.07
CA SER A 581 28.85 -3.09 6.23
CA SER A 581 28.83 -3.06 6.16
C SER A 581 29.05 -4.60 6.15
C SER A 581 29.08 -4.56 6.14
N MET A 582 29.31 -5.08 4.94
CA MET A 582 29.70 -6.46 4.70
C MET A 582 31.08 -6.39 4.03
N LYS A 583 31.89 -7.42 4.26
CA LYS A 583 33.25 -7.49 3.68
C LYS A 583 33.58 -8.92 3.32
N GLY A 584 34.07 -9.08 2.10
CA GLY A 584 34.46 -10.38 1.58
C GLY A 584 33.25 -11.13 1.05
N THR A 585 33.15 -12.41 1.41
CA THR A 585 32.00 -13.22 1.01
C THR A 585 30.99 -13.12 2.12
N SER A 586 29.78 -12.64 1.80
CA SER A 586 28.71 -12.53 2.79
C SER A 586 27.70 -13.65 2.56
N ALA A 587 27.09 -14.13 3.64
CA ALA A 587 26.02 -15.12 3.52
C ALA A 587 24.91 -14.56 2.64
N TYR A 588 24.55 -13.31 2.89
CA TYR A 588 23.46 -12.65 2.16
C TYR A 588 23.71 -12.53 0.66
N CYS A 589 24.71 -11.75 0.26
CA CYS A 589 24.97 -11.57 -1.17
C CYS A 589 25.51 -12.82 -1.83
N GLY A 590 26.26 -13.63 -1.07
CA GLY A 590 26.80 -14.87 -1.56
C GLY A 590 25.71 -15.86 -1.89
N SER A 591 24.72 -16.02 -1.01
CA SER A 591 23.63 -16.95 -1.30
C SER A 591 22.74 -16.48 -2.46
N LEU A 592 22.49 -15.17 -2.53
CA LEU A 592 21.75 -14.58 -3.66
C LEU A 592 22.45 -14.82 -4.99
N TRP A 593 23.77 -14.68 -4.99
CA TRP A 593 24.60 -14.97 -6.16
C TRP A 593 24.46 -16.43 -6.62
N LEU A 594 24.54 -17.35 -5.67
CA LEU A 594 24.44 -18.77 -5.98
C LEU A 594 23.08 -19.06 -6.61
N ALA A 595 22.02 -18.51 -6.01
CA ALA A 595 20.68 -18.74 -6.51
C ALA A 595 20.50 -18.10 -7.88
N ALA A 596 21.05 -16.92 -8.10
CA ALA A 596 20.92 -16.23 -9.37
C ALA A 596 21.61 -17.00 -10.50
N LEU A 597 22.77 -17.57 -10.18
CA LEU A 597 23.48 -18.43 -11.11
C LEU A 597 22.65 -19.67 -11.48
N LYS A 598 22.05 -20.32 -10.49
CA LYS A 598 21.18 -21.47 -10.78
C LYS A 598 19.95 -21.10 -11.62
N ALA A 599 19.30 -19.97 -11.31
CA ALA A 599 18.21 -19.48 -12.13
C ALA A 599 18.62 -19.22 -13.58
N ALA A 600 19.78 -18.61 -13.77
CA ALA A 600 20.27 -18.31 -15.12
C ALA A 600 20.59 -19.58 -15.90
N GLN A 601 21.14 -20.59 -15.22
CA GLN A 601 21.29 -21.93 -15.82
C GLN A 601 19.96 -22.44 -16.36
N GLU A 602 18.92 -22.37 -15.55
CA GLU A 602 17.62 -22.86 -15.95
C GLU A 602 17.03 -22.05 -17.09
N ILE A 603 17.20 -20.73 -17.07
CA ILE A 603 16.74 -19.91 -18.20
C ILE A 603 17.48 -20.33 -19.49
N GLY A 604 18.80 -20.49 -19.36
CA GLY A 604 19.63 -20.97 -20.48
C GLY A 604 19.10 -22.25 -21.11
N LYS A 605 18.69 -23.19 -20.25
CA LYS A 605 18.07 -24.45 -20.71
C LYS A 605 16.77 -24.19 -21.45
N VAL A 606 15.90 -23.37 -20.88
CA VAL A 606 14.61 -23.07 -21.51
C VAL A 606 14.80 -22.42 -22.89
N LEU A 607 15.75 -21.48 -22.99
CA LEU A 607 15.97 -20.73 -24.22
C LEU A 607 16.98 -21.38 -25.15
N LYS A 608 17.48 -22.56 -24.76
CA LYS A 608 18.45 -23.33 -25.56
C LYS A 608 19.72 -22.52 -25.84
N ASP A 609 20.20 -21.84 -24.81
CA ASP A 609 21.46 -21.11 -24.83
C ASP A 609 22.47 -21.97 -24.09
N ASN A 610 23.01 -22.96 -24.81
CA ASN A 610 23.89 -23.95 -24.18
C ASN A 610 25.14 -23.34 -23.57
N GLU A 611 25.75 -22.38 -24.25
CA GLU A 611 26.98 -21.80 -23.75
C GLU A 611 26.77 -21.02 -22.45
N ALA A 612 25.63 -20.35 -22.32
CA ALA A 612 25.28 -19.71 -21.05
C ALA A 612 25.05 -20.75 -19.94
N TYR A 613 24.31 -21.80 -20.24
CA TYR A 613 24.09 -22.87 -19.27
C TYR A 613 25.43 -23.38 -18.71
N ILE A 614 26.35 -23.73 -19.61
CA ILE A 614 27.65 -24.25 -19.18
C ILE A 614 28.44 -23.25 -18.35
N LYS A 615 28.50 -22.00 -18.79
CA LYS A 615 29.25 -20.96 -18.08
C LYS A 615 28.71 -20.76 -16.66
N TYR A 616 27.40 -20.57 -16.54
CA TYR A 616 26.81 -20.31 -15.23
C TYR A 616 26.80 -21.56 -14.35
N ASN A 617 26.71 -22.74 -14.97
CA ASN A 617 26.88 -23.99 -14.21
C ASN A 617 28.31 -24.09 -13.62
N GLU A 618 29.32 -23.74 -14.42
CA GLU A 618 30.71 -23.76 -13.93
C GLU A 618 30.96 -22.74 -12.81
N TRP A 619 30.49 -21.51 -13.00
CA TRP A 619 30.58 -20.51 -11.93
C TRP A 619 29.86 -20.96 -10.65
N TYR A 620 28.68 -21.54 -10.82
CA TYR A 620 27.88 -22.00 -9.69
C TYR A 620 28.61 -23.06 -8.85
N LYS A 621 29.18 -24.07 -9.53
CA LYS A 621 29.86 -25.16 -8.81
C LYS A 621 31.04 -24.65 -7.97
N ILE A 622 31.85 -23.74 -8.53
CA ILE A 622 33.00 -23.16 -7.82
C ILE A 622 32.52 -22.31 -6.65
N ALA A 623 31.55 -21.44 -6.91
CA ALA A 623 31.03 -20.54 -5.91
C ALA A 623 30.37 -21.30 -4.76
N GLN A 624 29.58 -22.31 -5.09
CA GLN A 624 28.87 -23.12 -4.09
C GLN A 624 29.83 -23.80 -3.13
N GLN A 625 30.84 -24.44 -3.71
CA GLN A 625 31.88 -25.12 -2.92
C GLN A 625 32.58 -24.13 -1.99
N ASN A 626 32.94 -22.96 -2.52
CA ASN A 626 33.64 -21.97 -1.72
C ASN A 626 32.77 -21.26 -0.69
N PHE A 627 31.49 -21.03 -1.02
CA PHE A 627 30.54 -20.45 -0.07
C PHE A 627 30.45 -21.34 1.17
N GLU A 628 30.28 -22.63 0.94
CA GLU A 628 30.16 -23.61 2.01
C GLU A 628 31.43 -23.64 2.87
N LYS A 629 32.59 -23.71 2.23
CA LYS A 629 33.89 -23.74 2.96
C LYS A 629 34.10 -22.51 3.82
N GLU A 630 33.85 -21.34 3.23
CA GLU A 630 34.12 -20.07 3.88
C GLU A 630 33.19 -19.75 5.05
N LEU A 631 31.92 -20.14 4.94
CA LEU A 631 30.89 -19.62 5.85
C LEU A 631 30.21 -20.63 6.77
N TRP A 632 30.15 -21.91 6.40
CA TRP A 632 29.46 -22.89 7.26
C TRP A 632 30.30 -23.14 8.52
N ASN A 633 29.73 -22.86 9.69
CA ASN A 633 30.47 -22.99 10.95
C ASN A 633 30.06 -24.19 11.84
N GLY A 634 29.18 -25.05 11.32
CA GLY A 634 28.63 -26.18 12.07
C GLY A 634 27.21 -26.02 12.59
N GLU A 635 26.81 -24.75 12.82
CA GLU A 635 25.47 -24.40 13.33
C GLU A 635 24.67 -23.47 12.41
N TYR A 636 25.37 -22.54 11.75
CA TYR A 636 24.75 -21.59 10.84
C TYR A 636 25.81 -21.08 9.87
N TYR A 637 25.42 -20.18 8.96
CA TYR A 637 26.35 -19.56 8.02
C TYR A 637 26.79 -18.21 8.57
N ASN A 638 28.10 -17.99 8.65
CA ASN A 638 28.62 -16.74 9.16
C ASN A 638 28.14 -15.55 8.33
N PHE A 639 27.98 -14.41 9.00
CA PHE A 639 27.55 -13.17 8.37
C PHE A 639 28.43 -12.84 7.16
N ASP A 640 29.75 -12.88 7.37
CA ASP A 640 30.69 -12.76 6.24
C ASP A 640 32.08 -13.29 6.60
N THR A 641 33.05 -13.13 5.71
CA THR A 641 34.41 -13.64 5.93
C THR A 641 35.41 -12.65 6.50
N GLU A 642 35.13 -11.33 6.43
CA GLU A 642 36.13 -10.30 6.80
C GLU A 642 35.73 -9.19 7.77
N SER A 643 34.46 -9.09 8.18
CA SER A 643 34.04 -8.06 9.14
C SER A 643 34.49 -8.37 10.57
N ASP A 644 34.47 -7.33 11.41
CA ASP A 644 34.68 -7.48 12.86
C ASP A 644 33.65 -8.40 13.51
N HIS A 645 32.39 -8.30 13.12
N HIS A 645 32.42 -8.27 13.02
CA HIS A 645 31.38 -9.23 13.63
CA HIS A 645 31.26 -9.04 13.44
C HIS A 645 30.95 -10.22 12.55
C HIS A 645 30.93 -10.21 12.51
N LYS A 646 31.96 -10.88 11.97
CA LYS A 646 31.76 -11.92 10.94
C LYS A 646 30.94 -13.14 11.40
N ASP A 647 30.99 -13.45 12.70
CA ASP A 647 30.27 -14.60 13.24
C ASP A 647 28.85 -14.26 13.75
N SER A 648 28.36 -13.05 13.46
CA SER A 648 26.97 -12.73 13.79
C SER A 648 26.03 -13.67 13.03
N ILE A 649 24.89 -13.95 13.67
CA ILE A 649 23.81 -14.74 13.08
C ILE A 649 22.88 -13.72 12.43
N MET A 650 22.77 -13.76 11.11
CA MET A 650 21.95 -12.82 10.36
C MET A 650 20.61 -13.47 10.05
N ALA A 651 19.51 -12.75 10.27
CA ALA A 651 18.20 -13.33 10.00
C ALA A 651 18.04 -13.73 8.54
N ASP A 652 18.63 -12.92 7.65
CA ASP A 652 18.48 -13.05 6.21
C ASP A 652 19.66 -13.79 5.57
N GLN A 653 20.46 -14.48 6.38
CA GLN A 653 21.69 -15.14 5.87
C GLN A 653 21.49 -16.05 4.66
N LEU A 654 20.35 -16.73 4.57
CA LEU A 654 20.10 -17.63 3.45
C LEU A 654 19.01 -17.17 2.48
N ALA A 655 18.96 -15.85 2.23
CA ALA A 655 17.98 -15.28 1.30
C ALA A 655 17.99 -15.94 -0.08
N GLY A 656 19.16 -16.31 -0.59
CA GLY A 656 19.24 -17.01 -1.85
C GLY A 656 18.53 -18.35 -1.86
N GLN A 657 18.70 -19.11 -0.78
CA GLN A 657 18.01 -20.39 -0.66
C GLN A 657 16.50 -20.20 -0.50
N TRP A 658 16.07 -19.18 0.22
CA TRP A 658 14.63 -18.82 0.28
C TRP A 658 14.04 -18.68 -1.12
N TYR A 659 14.64 -17.84 -1.96
CA TYR A 659 14.16 -17.68 -3.34
C TYR A 659 14.30 -18.96 -4.15
N ALA A 660 15.38 -19.72 -3.93
CA ALA A 660 15.54 -21.00 -4.62
C ALA A 660 14.36 -21.96 -4.35
N ASP A 661 13.89 -22.00 -3.11
CA ASP A 661 12.69 -22.79 -2.77
C ASP A 661 11.49 -22.35 -3.61
N ILE A 662 11.28 -21.03 -3.69
CA ILE A 662 10.13 -20.47 -4.43
C ILE A 662 10.25 -20.76 -5.92
N LEU A 663 11.47 -20.66 -6.44
CA LEU A 663 11.72 -20.83 -7.86
C LEU A 663 11.87 -22.31 -8.23
N ARG A 664 11.80 -23.20 -7.24
CA ARG A 664 11.97 -24.65 -7.44
C ARG A 664 13.33 -25.02 -8.05
N LEU A 665 14.38 -24.39 -7.51
CA LEU A 665 15.74 -24.59 -7.99
C LEU A 665 16.48 -25.63 -7.16
N GLY A 666 15.81 -26.20 -6.16
CA GLY A 666 16.40 -27.23 -5.34
C GLY A 666 17.34 -26.71 -4.28
N ASP A 667 18.25 -27.59 -3.89
CA ASP A 667 19.17 -27.32 -2.80
C ASP A 667 20.34 -26.58 -3.41
N ILE A 668 20.51 -25.32 -3.03
CA ILE A 668 21.77 -24.63 -3.31
C ILE A 668 22.75 -24.85 -2.16
N LEU A 669 22.19 -25.09 -0.98
CA LEU A 669 22.97 -25.50 0.18
C LEU A 669 22.36 -26.79 0.75
N PRO A 670 23.15 -27.56 1.53
CA PRO A 670 22.61 -28.84 2.03
C PRO A 670 21.41 -28.65 2.95
N LYS A 671 20.39 -29.50 2.78
CA LYS A 671 19.15 -29.42 3.54
C LYS A 671 19.41 -29.38 5.04
N ASP A 672 20.31 -30.24 5.50
CA ASP A 672 20.65 -30.32 6.92
C ASP A 672 21.14 -28.98 7.47
N HIS A 673 22.03 -28.33 6.72
CA HIS A 673 22.65 -27.06 7.13
C HIS A 673 21.63 -25.92 7.09
N VAL A 674 20.75 -25.94 6.09
CA VAL A 674 19.66 -24.94 6.00
C VAL A 674 18.73 -25.06 7.23
N GLN A 675 18.34 -26.30 7.55
CA GLN A 675 17.47 -26.54 8.70
C GLN A 675 18.13 -26.08 10.00
N LYS A 676 19.42 -26.39 10.16
CA LYS A 676 20.16 -25.95 11.34
C LYS A 676 20.22 -24.43 11.43
N ALA A 677 20.46 -23.78 10.31
CA ALA A 677 20.56 -22.32 10.28
C ALA A 677 19.22 -21.68 10.64
N LEU A 678 18.13 -22.19 10.06
CA LEU A 678 16.79 -21.65 10.36
C LEU A 678 16.40 -21.87 11.83
N LYS A 679 16.71 -23.04 12.36
CA LYS A 679 16.50 -23.29 13.79
C LYS A 679 17.28 -22.34 14.69
N LYS A 680 18.53 -22.07 14.31
CA LYS A 680 19.37 -21.11 15.02
C LYS A 680 18.76 -19.71 14.99
N ILE A 681 18.32 -19.30 13.82
CA ILE A 681 17.71 -17.97 13.66
C ILE A 681 16.46 -17.84 14.55
N TYR A 682 15.61 -18.86 14.54
CA TYR A 682 14.42 -18.85 15.41
C TYR A 682 14.82 -18.80 16.89
N GLU A 683 15.76 -19.66 17.27
CA GLU A 683 16.24 -19.75 18.65
C GLU A 683 16.87 -18.45 19.15
N PHE A 684 17.61 -17.77 18.27
CA PHE A 684 18.34 -16.57 18.65
C PHE A 684 17.60 -15.29 18.19
N ASN A 685 17.63 -15.00 16.90
CA ASN A 685 17.15 -13.71 16.39
C ASN A 685 15.67 -13.46 16.70
N VAL A 686 14.87 -14.52 16.81
CA VAL A 686 13.48 -14.39 17.23
C VAL A 686 13.37 -14.54 18.75
N MET A 687 13.65 -15.73 19.27
CA MET A 687 13.29 -16.04 20.66
C MET A 687 14.11 -15.33 21.71
N LYS A 688 15.34 -14.90 21.39
CA LYS A 688 16.13 -14.11 22.34
C LYS A 688 15.96 -12.60 22.16
N PHE A 689 15.06 -12.20 21.24
CA PHE A 689 14.74 -10.80 21.05
C PHE A 689 13.33 -10.54 21.57
N GLU A 690 13.24 -9.90 22.74
CA GLU A 690 11.96 -9.57 23.36
C GLU A 690 10.99 -10.76 23.37
N ASN A 691 11.51 -11.91 23.78
CA ASN A 691 10.74 -13.16 23.92
C ASN A 691 9.99 -13.60 22.65
N GLY A 692 10.55 -13.27 21.48
CA GLY A 692 9.96 -13.68 20.21
C GLY A 692 8.62 -13.05 19.89
N LYS A 693 8.30 -11.91 20.50
CA LYS A 693 7.01 -11.23 20.29
C LYS A 693 7.09 -10.04 19.34
N MET A 694 8.23 -9.84 18.67
CA MET A 694 8.43 -8.65 17.84
C MET A 694 9.08 -8.91 16.49
N GLY A 695 9.12 -10.16 16.02
CA GLY A 695 9.85 -10.50 14.79
C GLY A 695 11.28 -10.97 14.99
N ALA A 696 12.03 -11.00 13.89
CA ALA A 696 13.41 -11.47 13.90
C ALA A 696 14.32 -10.26 13.83
N VAL A 697 15.14 -10.05 14.86
CA VAL A 697 16.15 -8.98 14.80
C VAL A 697 17.21 -9.39 13.76
N ASN A 698 17.74 -8.41 13.05
CA ASN A 698 18.62 -8.71 11.92
C ASN A 698 19.93 -9.39 12.29
N GLY A 699 20.58 -8.92 13.35
CA GLY A 699 21.91 -9.45 13.70
C GLY A 699 21.97 -9.83 15.15
N MET A 700 22.34 -11.07 15.43
CA MET A 700 22.60 -11.48 16.81
C MET A 700 23.95 -12.17 16.95
N ARG A 701 24.64 -11.84 18.04
CA ARG A 701 25.95 -12.41 18.33
C ARG A 701 25.73 -13.85 18.84
N PRO A 702 26.69 -14.75 18.62
CA PRO A 702 26.49 -16.14 19.08
C PRO A 702 26.36 -16.31 20.61
N ASP A 703 26.69 -15.30 21.40
CA ASP A 703 26.39 -15.30 22.85
C ASP A 703 24.94 -14.90 23.21
N GLY A 704 24.10 -14.61 22.20
CA GLY A 704 22.69 -14.30 22.44
C GLY A 704 22.39 -12.84 22.74
N ILE A 705 23.30 -11.94 22.44
CA ILE A 705 23.07 -10.50 22.62
C ILE A 705 23.01 -9.89 21.22
N VAL A 706 22.17 -8.88 21.05
CA VAL A 706 21.97 -8.28 19.74
C VAL A 706 23.27 -7.63 19.25
N ASP A 707 23.56 -7.81 17.97
CA ASP A 707 24.74 -7.24 17.32
C ASP A 707 24.61 -5.71 17.27
N GLU A 708 25.60 -5.02 17.83
CA GLU A 708 25.59 -3.55 17.94
C GLU A 708 26.49 -2.84 16.93
N SER A 709 26.98 -3.56 15.92
CA SER A 709 27.87 -2.99 14.91
C SER A 709 27.23 -1.87 14.11
N ASP A 710 25.93 -1.97 13.86
CA ASP A 710 25.16 -0.90 13.22
C ASP A 710 23.71 -0.94 13.70
N ILE A 711 23.04 0.20 13.62
CA ILE A 711 21.60 0.30 13.90
C ILE A 711 20.77 -0.77 13.17
N GLN A 712 21.09 -1.06 11.92
CA GLN A 712 20.30 -2.04 11.14
C GLN A 712 20.40 -3.45 11.70
N ALA A 713 21.55 -3.79 12.28
CA ALA A 713 21.66 -5.07 13.00
C ALA A 713 20.70 -5.20 14.19
N GLN A 714 20.38 -4.07 14.81
CA GLN A 714 19.52 -3.99 16.00
C GLN A 714 18.06 -3.73 15.64
N GLU A 715 17.74 -3.74 14.35
CA GLU A 715 16.37 -3.56 13.88
C GLU A 715 15.77 -4.91 13.49
N VAL A 716 14.47 -5.03 13.72
CA VAL A 716 13.65 -6.01 13.05
C VAL A 716 13.18 -5.35 11.77
N TRP A 717 13.37 -6.01 10.63
CA TRP A 717 12.80 -5.55 9.36
C TRP A 717 11.54 -6.37 9.08
N THR A 718 10.41 -5.67 9.00
CA THR A 718 9.12 -6.34 8.89
C THR A 718 9.05 -7.25 7.65
N GLY A 719 9.58 -6.78 6.53
CA GLY A 719 9.56 -7.55 5.28
C GLY A 719 10.51 -8.73 5.27
N VAL A 720 11.67 -8.54 5.92
CA VAL A 720 12.62 -9.62 6.10
C VAL A 720 12.01 -10.71 6.97
N THR A 721 11.29 -10.30 8.02
CA THR A 721 10.73 -11.25 8.97
C THR A 721 9.59 -12.04 8.31
N TYR A 722 8.70 -11.37 7.58
CA TYR A 722 7.65 -12.13 6.88
C TYR A 722 8.24 -13.08 5.85
N ALA A 723 9.28 -12.64 5.12
CA ALA A 723 9.96 -13.52 4.16
C ALA A 723 10.61 -14.74 4.84
N LEU A 724 11.23 -14.52 5.98
CA LEU A 724 11.83 -15.58 6.77
C LEU A 724 10.77 -16.57 7.25
N ALA A 725 9.61 -16.05 7.64
CA ALA A 725 8.46 -16.91 8.00
C ALA A 725 8.05 -17.80 6.84
N SER A 726 8.00 -17.22 5.64
CA SER A 726 7.71 -18.01 4.45
C SER A 726 8.74 -19.13 4.22
N PHE A 727 10.02 -18.81 4.40
CA PHE A 727 11.12 -19.76 4.25
C PHE A 727 10.96 -20.92 5.25
N MET A 728 10.73 -20.57 6.51
CA MET A 728 10.47 -21.58 7.56
C MET A 728 9.28 -22.47 7.20
N LYS A 729 8.20 -21.85 6.73
CA LYS A 729 7.00 -22.57 6.34
C LYS A 729 7.30 -23.60 5.24
N TYR A 730 8.01 -23.18 4.19
CA TYR A 730 8.36 -24.10 3.09
C TYR A 730 9.20 -25.25 3.57
N ARG A 731 10.05 -24.98 4.58
CA ARG A 731 10.92 -26.00 5.16
C ARG A 731 10.31 -26.84 6.29
N GLY A 732 8.99 -26.76 6.43
CA GLY A 732 8.27 -27.60 7.39
C GLY A 732 8.30 -27.13 8.82
N MET A 733 8.88 -25.94 9.07
CA MET A 733 8.97 -25.39 10.42
C MET A 733 7.74 -24.53 10.67
N THR A 734 6.59 -25.20 10.76
CA THR A 734 5.29 -24.50 10.71
C THR A 734 5.07 -23.61 11.94
N GLU A 735 5.29 -24.17 13.13
CA GLU A 735 5.12 -23.39 14.35
C GLU A 735 6.08 -22.21 14.35
N GLU A 736 7.33 -22.46 13.99
CA GLU A 736 8.33 -21.39 14.02
C GLU A 736 7.94 -20.28 13.03
N ALA A 737 7.47 -20.68 11.87
CA ALA A 737 7.07 -19.74 10.82
C ALA A 737 5.99 -18.78 11.31
N TYR A 738 4.89 -19.34 11.81
CA TYR A 738 3.81 -18.50 12.28
C TYR A 738 4.13 -17.73 13.54
N ASN A 739 4.90 -18.32 14.46
CA ASN A 739 5.33 -17.57 15.64
C ASN A 739 6.22 -16.38 15.25
N THR A 740 7.06 -16.57 14.24
CA THR A 740 7.95 -15.51 13.75
C THR A 740 7.13 -14.39 13.15
N ALA A 741 6.21 -14.74 12.26
CA ALA A 741 5.32 -13.73 11.65
C ALA A 741 4.40 -13.08 12.67
N TYR A 742 3.95 -13.84 13.68
CA TYR A 742 3.03 -13.31 14.68
C TYR A 742 3.52 -12.02 15.35
N GLY A 743 4.80 -11.94 15.66
CA GLY A 743 5.34 -10.73 16.27
C GLY A 743 5.20 -9.48 15.41
N VAL A 744 5.28 -9.63 14.10
CA VAL A 744 5.08 -8.53 13.18
C VAL A 744 3.60 -8.10 13.17
N TYR A 745 2.71 -9.09 13.08
CA TYR A 745 1.27 -8.83 13.19
C TYR A 745 0.96 -8.10 14.50
N LYS A 746 1.50 -8.61 15.60
CA LYS A 746 1.20 -8.07 16.92
C LYS A 746 1.59 -6.60 17.05
N MET A 747 2.83 -6.33 16.64
CA MET A 747 3.34 -4.97 16.69
C MET A 747 2.55 -4.00 15.82
N THR A 748 2.08 -4.49 14.67
CA THR A 748 1.38 -3.65 13.71
C THR A 748 -0.08 -3.41 14.10
N TYR A 749 -0.80 -4.48 14.45
CA TYR A 749 -2.27 -4.45 14.57
C TYR A 749 -2.86 -4.58 15.97
N ASP A 750 -2.13 -5.25 16.88
CA ASP A 750 -2.71 -5.64 18.17
C ASP A 750 -2.74 -4.47 19.15
N LYS A 751 -3.66 -4.56 20.11
CA LYS A 751 -3.73 -3.58 21.20
C LYS A 751 -2.41 -3.45 22.00
N SER A 752 -1.67 -4.54 22.09
CA SER A 752 -0.36 -4.58 22.77
C SER A 752 0.82 -4.11 21.89
N GLY A 753 0.54 -3.75 20.64
CA GLY A 753 1.57 -3.31 19.71
C GLY A 753 1.81 -1.82 19.77
N LYS A 754 2.29 -1.27 18.65
CA LYS A 754 2.73 0.13 18.58
C LYS A 754 1.92 1.02 17.63
N GLY A 755 0.79 0.51 17.12
CA GLY A 755 -0.17 1.33 16.38
C GLY A 755 0.26 1.66 14.96
N TYR A 756 0.70 0.66 14.21
CA TYR A 756 1.21 0.88 12.85
C TYR A 756 0.27 0.37 11.76
N TRP A 757 -0.98 0.09 12.11
CA TRP A 757 -1.96 -0.33 11.13
C TRP A 757 -2.08 0.67 9.97
N PHE A 758 -2.03 0.14 8.75
CA PHE A 758 -2.07 0.94 7.53
C PHE A 758 -0.92 1.91 7.37
N ARG A 759 0.19 1.60 8.06
CA ARG A 759 1.45 2.31 7.83
C ARG A 759 2.64 1.47 8.26
N THR A 760 2.59 0.17 7.96
CA THR A 760 3.60 -0.78 8.40
C THR A 760 4.97 -0.24 8.03
N PRO A 761 5.86 -0.11 9.02
CA PRO A 761 7.17 0.45 8.73
C PRO A 761 8.20 -0.56 8.19
N GLU A 762 9.29 -0.05 7.66
CA GLU A 762 10.45 -0.91 7.36
C GLU A 762 10.88 -1.66 8.62
N ALA A 763 11.03 -0.93 9.72
CA ALA A 763 11.76 -1.46 10.84
C ALA A 763 11.32 -0.91 12.16
N TRP A 764 11.58 -1.70 13.21
CA TRP A 764 11.54 -1.19 14.58
C TRP A 764 12.71 -1.75 15.39
N THR A 765 13.05 -1.02 16.44
CA THR A 765 14.03 -1.45 17.43
C THR A 765 13.32 -2.09 18.63
N LYS A 766 14.09 -2.57 19.61
CA LYS A 766 13.51 -3.29 20.74
C LYS A 766 12.47 -2.51 21.54
N ASP A 767 12.59 -1.18 21.59
CA ASP A 767 11.59 -0.31 22.24
C ASP A 767 10.27 -0.17 21.47
N GLY A 768 10.20 -0.72 20.26
CA GLY A 768 9.01 -0.65 19.44
C GLY A 768 8.91 0.56 18.53
N ASN A 769 9.81 1.52 18.68
CA ASN A 769 9.78 2.73 17.84
C ASN A 769 10.35 2.37 16.47
N TYR A 770 9.98 3.15 15.46
CA TYR A 770 10.09 2.72 14.07
C TYR A 770 10.98 3.55 13.17
N ARG A 771 11.29 2.99 12.00
CA ARG A 771 11.91 3.72 10.90
C ARG A 771 11.11 3.45 9.62
N ALA A 772 10.65 4.54 9.02
CA ALA A 772 10.06 4.62 7.70
C ALA A 772 8.71 3.94 7.62
N SER A 773 7.69 4.63 8.15
CA SER A 773 6.29 4.14 8.08
C SER A 773 5.84 4.13 6.64
N MET A 774 4.83 3.32 6.34
CA MET A 774 4.27 3.18 4.98
C MET A 774 5.33 2.66 4.01
N TYR A 775 5.69 1.40 4.21
CA TYR A 775 6.84 0.78 3.57
C TYR A 775 6.46 -0.40 2.66
N MET A 776 7.16 -0.55 1.55
CA MET A 776 6.83 -1.60 0.57
C MET A 776 7.19 -3.02 1.04
N ARG A 777 8.31 -3.15 1.75
CA ARG A 777 8.90 -4.46 2.05
C ARG A 777 7.96 -5.49 2.72
N PRO A 778 7.13 -5.07 3.71
CA PRO A 778 6.23 -6.05 4.37
C PRO A 778 5.10 -6.63 3.51
N LEU A 779 4.93 -6.14 2.28
CA LEU A 779 4.12 -6.87 1.29
C LEU A 779 4.64 -8.30 1.04
N SER A 780 5.90 -8.57 1.44
CA SER A 780 6.46 -9.92 1.44
C SER A 780 5.65 -10.96 2.20
N ILE A 781 4.74 -10.56 3.10
CA ILE A 781 3.84 -11.54 3.73
C ILE A 781 3.17 -12.46 2.67
N TRP A 782 2.91 -11.94 1.47
CA TRP A 782 2.32 -12.77 0.40
C TRP A 782 3.20 -13.93 -0.07
N SER A 783 4.51 -13.87 0.20
CA SER A 783 5.37 -15.06 0.00
C SER A 783 4.95 -16.27 0.87
N MET A 784 4.22 -16.01 1.95
CA MET A 784 3.66 -17.11 2.76
C MET A 784 2.51 -17.86 2.06
N GLU A 785 1.98 -17.35 0.95
CA GLU A 785 0.91 -18.00 0.16
C GLU A 785 1.38 -18.74 -1.11
N VAL A 786 2.66 -18.77 -1.38
CA VAL A 786 3.18 -19.51 -2.55
C VAL A 786 2.87 -21.01 -2.43
C2 BGC B . 25.04 13.02 9.86
C3 BGC B . 24.36 12.64 8.55
C4 BGC B . 22.86 12.47 8.80
C5 BGC B . 22.28 13.74 9.41
C6 BGC B . 20.82 13.58 9.78
C1 BGC B . 24.40 14.29 10.41
O1 BGC B . 25.03 14.63 11.62
O2 BGC B . 26.43 13.19 9.67
O3 BGC B . 24.96 11.45 8.02
O4 BGC B . 22.21 12.24 7.55
O5 BGC B . 23.00 14.07 10.62
O6 BGC B . 20.34 14.77 10.40
C2 BGC B . 20.74 11.11 6.06
C3 BGC B . 19.77 9.93 5.93
C4 BGC B . 20.45 8.65 6.37
C5 BGC B . 21.08 8.80 7.76
C6 BGC B . 21.92 7.61 8.21
C1 BGC B . 21.32 11.14 7.47
O2 BGC B . 20.07 12.32 5.78
O3 BGC B . 19.34 9.84 4.57
O4 BGC B . 19.45 7.61 6.42
O5 BGC B . 21.99 9.93 7.72
O6 BGC B . 22.27 7.73 9.57
C2 BGC B . 18.92 5.37 5.89
C3 BGC B . 18.90 4.37 4.74
C4 BGC B . 18.05 4.95 3.62
C5 BGC B . 18.62 6.30 3.19
C6 BGC B . 17.77 7.01 2.15
C1 BGC B . 19.47 6.69 5.37
O2 BGC B . 19.73 4.90 6.97
O3 BGC B . 18.41 3.12 5.22
O4 BGC B . 18.03 4.10 2.47
O5 BGC B . 18.67 7.18 4.31
O6 BGC B . 18.36 8.26 1.76
C1 GOL C . 16.07 1.52 1.91
O1 GOL C . 16.13 2.78 1.20
C2 GOL C . 17.36 0.71 1.87
O2 GOL C . 17.08 -0.69 2.09
C3 GOL C . 18.13 0.85 0.55
O3 GOL C . 17.32 0.63 -0.61
C1 GOL D . -12.31 12.37 -23.74
O1 GOL D . -12.08 12.94 -22.45
C2 GOL D . -11.06 12.47 -24.59
O2 GOL D . -10.60 13.83 -24.54
C3 GOL D . -9.98 11.51 -24.10
O3 GOL D . -9.39 10.74 -25.16
C1 GOL E . -0.46 -3.95 -16.90
O1 GOL E . -1.74 -3.64 -17.49
C2 GOL E . 0.74 -3.24 -17.52
O2 GOL E . 0.82 -1.88 -17.04
C3 GOL E . 0.68 -3.22 -19.05
O3 GOL E . 1.82 -2.51 -19.56
C1 GOL F . 19.71 8.30 -17.55
O1 GOL F . 19.88 9.57 -18.18
C2 GOL F . 18.88 8.48 -16.29
O2 GOL F . 17.81 7.53 -16.34
C3 GOL F . 19.72 8.40 -14.99
O3 GOL F . 19.26 9.33 -13.98
C1 GOL G . -3.85 16.83 11.45
O1 GOL G . -3.28 17.56 10.34
C2 GOL G . -5.39 16.89 11.53
O2 GOL G . -6.01 17.49 10.38
C3 GOL G . -5.93 15.49 11.70
O3 GOL G . -7.30 15.45 12.12
C1 GOL H . 36.77 -15.31 1.09
O1 GOL H . 37.59 -16.05 2.00
C2 GOL H . 37.31 -13.89 1.00
O2 GOL H . 37.23 -13.27 2.29
C3 GOL H . 36.55 -13.02 -0.01
O3 GOL H . 36.35 -13.65 -1.27
C1 GOL I . 9.46 14.03 2.58
O1 GOL I . 8.95 13.13 3.57
C2 GOL I . 11.00 14.02 2.53
O2 GOL I . 11.54 14.80 1.46
C3 GOL I . 11.48 12.61 2.28
O3 GOL I . 10.84 12.10 1.11
C1 GOL J . -21.84 -9.99 -1.72
O1 GOL J . -23.22 -10.22 -2.05
C2 GOL J . -21.64 -9.69 -0.24
O2 GOL J . -20.42 -8.95 -0.11
C3 GOL J . -22.81 -8.88 0.37
O3 GOL J . -22.49 -8.52 1.72
C1 GOL K . 25.73 -9.79 -23.33
O1 GOL K . 24.62 -10.24 -22.53
C2 GOL K . 26.95 -9.32 -22.52
O2 GOL K . 26.74 -8.03 -21.91
C3 GOL K . 27.28 -10.29 -21.41
O3 GOL K . 28.35 -9.76 -20.63
C1 GOL L . -11.12 -11.76 -12.53
O1 GOL L . -9.89 -11.09 -12.72
C2 GOL L . -12.07 -10.69 -12.01
O2 GOL L . -13.29 -11.25 -11.51
C3 GOL L . -12.30 -9.57 -13.05
O3 GOL L . -11.41 -9.60 -14.18
C1 GOL M . 7.76 -0.34 -21.71
O1 GOL M . 8.07 0.53 -20.62
C2 GOL M . 8.86 -1.40 -21.87
O2 GOL M . 9.53 -1.63 -20.61
C3 GOL M . 8.25 -2.69 -22.44
O3 GOL M . 7.30 -3.30 -21.57
CA CA N . 35.48 -13.22 -3.90
#